data_1QTE
#
_entry.id   1QTE
#
_cell.length_a   78.266
_cell.length_b   87.514
_cell.length_c   132.947
_cell.angle_alpha   90.00
_cell.angle_beta   90.00
_cell.angle_gamma   90.00
#
_symmetry.space_group_name_H-M   'P 21 21 21'
#
loop_
_entity.id
_entity.type
_entity.pdbx_description
1 polymer 'SOLUBLE LYTIC TRANSGLYCOSYLASE SLT70'
2 non-polymer 2-acetamido-2-deoxy-beta-D-glucopyranose
3 non-polymer 'SULFATE ION'
4 non-polymer 'ACETATE ION'
5 non-polymer ALANINE
6 non-polymer D-ALANINE
7 non-polymer '2-(2-ACETYLAMINO-4-HYDROXY-6,8-DIOXA-BICYCLO[3.2.1]OCT-3-YLOXY)-PROPIONIC ACID'
8 non-polymer GLYCEROL
9 water water
#
_entity_poly.entity_id   1
_entity_poly.type   'polypeptide(L)'
_entity_poly.pdbx_seq_one_letter_code
;DSLDEQRSRYAQIKQAWDNRQMDVVEQMMPGLKDYPLYPYLEYRQITDDLMNQPAVTVTNFVRANPTLPPARTLQSRFVN
ELARREDWRGLLAFSPEKPGTTEAQCNYYYAKWNTGQSEEAWQGAKELWLTGKSQPNACDKLFSVWRASGKQDPLAYLER
IRLAMKAGNTGLVTVLAGQMPADYQTIASAIISLANNPNTVLTFARTTGATDFTRQMAAVAFASVARQDAENARLMIPSL
AQAQQLNEDQIQELRDIVAWRLMGNDVTDEQAKWRDDAIMRSQSTSLIERRVRMALGTGDRRGLNTWLARLPMEAKEKDE
WRYWQADLLLERGREAEAKEILHQLMQQRGFYPMVAAQRIGEEYELKIDKAPQNVDSALTQGPEMARVRELMYWNLDNTA
RSEWANLVKSKSKTEQAQLARYAFNNQWWDLSVQATIAGKLWDHLEERFPLAYNDLFKRYTSGKEIPQSYAMAIARQESA
WNPKVKSPVGASGLMQIMPGTATHTVKMFSIPGYSSPGQLLDPETNINIGTSYLQYVYQQFGNNRIFSSAAYNAGPGRVR
TWLGNSAGRIDAVAFVESIPFSETRGYVKNVLAYDAYYRYFMGDKPTLMSATEWGRRY
;
_entity_poly.pdbx_strand_id   A
#
loop_
_chem_comp.id
_chem_comp.type
_chem_comp.name
_chem_comp.formula
ACT non-polymer 'ACETATE ION' 'C2 H3 O2 -1'
AH0 non-polymer '2-(2-ACETYLAMINO-4-HYDROXY-6,8-DIOXA-BICYCLO[3.2.1]OCT-3-YLOXY)-PROPIONIC ACID' 'C11 H17 N O7'
GOL non-polymer GLYCEROL 'C3 H8 O3'
NAG D-saccharide, beta linking 2-acetamido-2-deoxy-beta-D-glucopyranose 'C8 H15 N O6'
SO4 non-polymer 'SULFATE ION' 'O4 S -2'
#
# COMPACT_ATOMS: atom_id res chain seq x y z
N ASP A 1 4.63 29.36 35.38
CA ASP A 1 5.00 28.50 34.21
C ASP A 1 3.99 28.74 33.09
N SER A 2 4.30 28.25 31.89
CA SER A 2 3.41 28.39 30.74
C SER A 2 3.76 27.32 29.73
N LEU A 3 2.88 27.12 28.76
CA LEU A 3 3.12 26.14 27.71
C LEU A 3 4.41 26.48 26.96
N ASP A 4 4.61 27.77 26.71
CA ASP A 4 5.80 28.25 26.00
C ASP A 4 7.09 27.89 26.76
N GLU A 5 7.09 28.06 28.08
CA GLU A 5 8.26 27.73 28.88
C GLU A 5 8.48 26.23 28.95
N GLN A 6 7.40 25.46 29.01
CA GLN A 6 7.47 24.00 29.06
C GLN A 6 8.09 23.47 27.75
N ARG A 7 7.79 24.13 26.64
CA ARG A 7 8.32 23.74 25.33
C ARG A 7 9.84 23.82 25.33
N SER A 8 10.38 24.89 25.91
CA SER A 8 11.84 25.03 26.00
C SER A 8 12.41 23.93 26.88
N ARG A 9 11.81 23.71 28.05
CA ARG A 9 12.29 22.68 28.97
C ARG A 9 12.19 21.28 28.36
N TYR A 10 11.17 21.06 27.52
CA TYR A 10 10.97 19.76 26.86
C TYR A 10 12.12 19.47 25.88
N ALA A 11 12.47 20.46 25.06
CA ALA A 11 13.55 20.31 24.10
C ALA A 11 14.87 20.10 24.83
N GLN A 12 15.04 20.81 25.95
CA GLN A 12 16.25 20.71 26.73
C GLN A 12 16.44 19.38 27.46
N ILE A 13 15.34 18.81 27.96
CA ILE A 13 15.44 17.52 28.66
C ILE A 13 15.76 16.38 27.68
N LYS A 14 15.26 16.50 26.45
CA LYS A 14 15.51 15.51 25.40
C LYS A 14 16.97 15.58 24.97
N GLN A 15 17.50 16.80 24.90
CA GLN A 15 18.90 17.04 24.55
C GLN A 15 19.81 16.40 25.61
N ALA A 16 19.50 16.64 26.89
CA ALA A 16 20.28 16.08 27.99
C ALA A 16 20.18 14.56 27.99
N TRP A 17 18.95 14.07 27.79
CA TRP A 17 18.66 12.63 27.77
C TRP A 17 19.45 11.93 26.65
N ASP A 18 19.53 12.57 25.49
CA ASP A 18 20.26 12.01 24.34
C ASP A 18 21.76 11.90 24.66
N ASN A 19 22.24 12.76 25.55
CA ASN A 19 23.65 12.77 25.96
C ASN A 19 23.89 11.97 27.23
N ARG A 20 22.83 11.31 27.71
CA ARG A 20 22.87 10.51 28.94
C ARG A 20 23.31 11.31 30.16
N GLN A 21 22.98 12.60 30.16
CA GLN A 21 23.27 13.48 31.29
C GLN A 21 22.04 13.29 32.16
N MET A 22 21.99 12.13 32.82
CA MET A 22 20.85 11.77 33.63
C MET A 22 20.63 12.61 34.87
N ASP A 23 21.67 13.29 35.34
CA ASP A 23 21.51 14.16 36.50
C ASP A 23 20.61 15.34 36.11
N VAL A 24 20.78 15.80 34.87
CA VAL A 24 19.96 16.89 34.34
C VAL A 24 18.53 16.39 34.12
N VAL A 25 18.39 15.18 33.57
CA VAL A 25 17.07 14.63 33.32
C VAL A 25 16.27 14.42 34.59
N GLU A 26 16.88 13.81 35.60
CA GLU A 26 16.20 13.57 36.88
C GLU A 26 15.72 14.87 37.51
N GLN A 27 16.53 15.92 37.42
CA GLN A 27 16.16 17.21 38.00
C GLN A 27 15.01 17.87 37.23
N MET A 28 15.02 17.72 35.90
CA MET A 28 14.01 18.33 35.04
C MET A 28 12.67 17.61 34.90
N MET A 29 12.68 16.30 35.03
CA MET A 29 11.46 15.50 34.88
C MET A 29 10.23 15.97 35.66
N PRO A 30 10.37 16.17 36.99
CA PRO A 30 9.22 16.60 37.81
C PRO A 30 8.55 17.90 37.37
N GLY A 31 9.35 18.86 36.91
CA GLY A 31 8.82 20.14 36.47
C GLY A 31 8.06 20.14 35.16
N LEU A 32 8.04 18.99 34.47
CA LEU A 32 7.34 18.87 33.20
C LEU A 32 6.03 18.08 33.24
N LYS A 33 5.54 17.74 34.43
CA LYS A 33 4.30 16.97 34.57
C LYS A 33 3.07 17.57 33.92
N ASP A 34 3.00 18.89 33.83
CA ASP A 34 1.86 19.56 33.22
C ASP A 34 1.96 19.76 31.70
N TYR A 35 3.11 19.41 31.14
CA TYR A 35 3.29 19.54 29.69
C TYR A 35 2.56 18.38 29.03
N PRO A 36 1.80 18.63 27.96
CA PRO A 36 1.06 17.57 27.27
C PRO A 36 1.87 16.34 26.87
N LEU A 37 3.15 16.52 26.56
CA LEU A 37 3.96 15.37 26.15
C LEU A 37 4.70 14.64 27.28
N TYR A 38 4.38 14.98 28.52
CA TYR A 38 5.00 14.33 29.68
C TYR A 38 4.87 12.79 29.61
N PRO A 39 3.71 12.24 29.19
CA PRO A 39 3.57 10.78 29.10
C PRO A 39 4.63 10.12 28.21
N TYR A 40 5.09 10.85 27.18
CA TYR A 40 6.14 10.31 26.28
C TYR A 40 7.48 10.23 27.03
N LEU A 41 7.71 11.17 27.94
CA LEU A 41 8.92 11.17 28.76
C LEU A 41 8.86 9.98 29.73
N GLU A 42 7.69 9.74 30.32
CA GLU A 42 7.53 8.62 31.24
C GLU A 42 7.74 7.30 30.50
N TYR A 43 7.21 7.21 29.29
CA TYR A 43 7.35 6.03 28.47
C TYR A 43 8.83 5.74 28.16
N ARG A 44 9.57 6.79 27.86
CA ARG A 44 11.00 6.64 27.56
C ARG A 44 11.74 6.14 28.79
N GLN A 45 11.36 6.67 29.95
CA GLN A 45 11.97 6.29 31.23
C GLN A 45 11.70 4.83 31.56
N ILE A 46 10.44 4.42 31.42
CA ILE A 46 10.04 3.05 31.69
C ILE A 46 10.74 2.05 30.77
N THR A 47 10.76 2.35 29.49
CA THR A 47 11.38 1.47 28.51
C THR A 47 12.91 1.46 28.54
N ASP A 48 13.50 2.50 29.14
CA ASP A 48 14.95 2.61 29.27
C ASP A 48 15.49 1.47 30.13
N ASP A 49 14.68 1.04 31.08
CA ASP A 49 15.09 -0.02 31.99
C ASP A 49 13.99 -1.08 32.04
N LEU A 50 13.44 -1.42 30.87
CA LEU A 50 12.35 -2.41 30.81
C LEU A 50 12.68 -3.78 31.41
N MET A 51 13.93 -4.23 31.26
CA MET A 51 14.34 -5.53 31.81
C MET A 51 14.27 -5.63 33.33
N ASN A 52 14.19 -4.48 34.00
CA ASN A 52 14.13 -4.45 35.46
C ASN A 52 12.85 -3.84 36.01
N GLN A 53 11.89 -3.59 35.14
CA GLN A 53 10.63 -2.99 35.56
C GLN A 53 9.61 -3.97 36.12
N PRO A 54 9.06 -3.67 37.32
CA PRO A 54 8.05 -4.57 37.89
C PRO A 54 6.77 -4.35 37.09
N ALA A 55 5.96 -5.40 36.95
CA ALA A 55 4.72 -5.33 36.19
C ALA A 55 3.76 -4.25 36.66
N VAL A 56 3.74 -4.00 37.98
CA VAL A 56 2.84 -3.01 38.55
C VAL A 56 3.10 -1.62 37.94
N THR A 57 4.37 -1.30 37.72
CA THR A 57 4.73 0.00 37.13
C THR A 57 4.19 0.11 35.70
N VAL A 58 4.31 -0.97 34.93
CA VAL A 58 3.82 -0.97 33.55
C VAL A 58 2.30 -0.90 33.50
N THR A 59 1.65 -1.71 34.34
CA THR A 59 0.18 -1.74 34.40
C THR A 59 -0.37 -0.34 34.71
N ASN A 60 0.22 0.31 35.73
CA ASN A 60 -0.20 1.65 36.15
C ASN A 60 -0.07 2.66 35.02
N PHE A 61 1.03 2.59 34.28
CA PHE A 61 1.26 3.52 33.17
C PHE A 61 0.26 3.28 32.05
N VAL A 62 0.04 2.02 31.70
CA VAL A 62 -0.89 1.69 30.64
C VAL A 62 -2.32 2.12 31.01
N ARG A 63 -2.73 1.89 32.26
CA ARG A 63 -4.09 2.27 32.66
C ARG A 63 -4.28 3.79 32.77
N ALA A 64 -3.22 4.50 33.11
CA ALA A 64 -3.30 5.96 33.25
C ALA A 64 -3.24 6.71 31.92
N ASN A 65 -2.84 6.01 30.85
CA ASN A 65 -2.73 6.61 29.52
C ASN A 65 -3.42 5.79 28.42
N PRO A 66 -4.76 5.63 28.53
CA PRO A 66 -5.58 4.88 27.58
C PRO A 66 -5.53 5.29 26.11
N THR A 67 -5.29 6.57 25.82
CA THR A 67 -5.25 7.02 24.44
C THR A 67 -3.84 7.34 23.93
N LEU A 68 -2.83 6.99 24.72
CA LEU A 68 -1.44 7.23 24.33
C LEU A 68 -0.97 6.05 23.47
N PRO A 69 -0.69 6.28 22.16
CA PRO A 69 -0.26 5.19 21.29
C PRO A 69 0.88 4.30 21.86
N PRO A 70 1.98 4.90 22.35
CA PRO A 70 3.03 4.02 22.90
C PRO A 70 2.64 3.24 24.16
N ALA A 71 1.60 3.70 24.88
CA ALA A 71 1.15 2.97 26.06
C ALA A 71 0.43 1.71 25.55
N ARG A 72 -0.25 1.85 24.41
CA ARG A 72 -0.98 0.72 23.85
C ARG A 72 -0.02 -0.33 23.30
N THR A 73 1.09 0.10 22.72
CA THR A 73 2.06 -0.85 22.20
C THR A 73 2.94 -1.43 23.32
N LEU A 74 3.05 -0.72 24.45
CA LEU A 74 3.85 -1.19 25.59
C LEU A 74 3.25 -2.48 26.19
N GLN A 75 1.94 -2.66 26.00
CA GLN A 75 1.26 -3.84 26.51
C GLN A 75 1.88 -5.10 25.87
N SER A 76 1.96 -5.11 24.54
CA SER A 76 2.54 -6.24 23.83
C SER A 76 4.05 -6.32 24.02
N ARG A 77 4.71 -5.17 24.13
CA ARG A 77 6.15 -5.15 24.32
C ARG A 77 6.54 -5.72 25.69
N PHE A 78 5.75 -5.43 26.71
CA PHE A 78 6.04 -5.95 28.05
C PHE A 78 5.69 -7.43 28.14
N VAL A 79 4.67 -7.84 27.39
CA VAL A 79 4.30 -9.26 27.36
C VAL A 79 5.54 -10.01 26.86
N ASN A 80 6.20 -9.47 25.84
CA ASN A 80 7.40 -10.10 25.29
C ASN A 80 8.57 -10.07 26.30
N GLU A 81 8.63 -9.03 27.13
CA GLU A 81 9.68 -8.94 28.15
C GLU A 81 9.46 -10.01 29.22
N LEU A 82 8.22 -10.21 29.63
CA LEU A 82 7.91 -11.24 30.64
C LEU A 82 8.24 -12.63 30.09
N ALA A 83 8.02 -12.82 28.78
CA ALA A 83 8.34 -14.09 28.14
C ALA A 83 9.86 -14.29 28.18
N ARG A 84 10.61 -13.20 27.99
CA ARG A 84 12.07 -13.27 28.03
C ARG A 84 12.56 -13.68 29.43
N ARG A 85 11.84 -13.26 30.47
CA ARG A 85 12.16 -13.60 31.86
C ARG A 85 11.66 -15.00 32.19
N GLU A 86 10.87 -15.56 31.27
CA GLU A 86 10.25 -16.88 31.44
C GLU A 86 9.27 -16.82 32.62
N ASP A 87 8.68 -15.65 32.80
CA ASP A 87 7.72 -15.43 33.87
C ASP A 87 6.33 -15.61 33.24
N TRP A 88 5.97 -16.87 33.03
CA TRP A 88 4.71 -17.24 32.40
C TRP A 88 3.50 -16.85 33.24
N ARG A 89 3.61 -17.05 34.56
CA ARG A 89 2.55 -16.70 35.50
C ARG A 89 2.35 -15.18 35.46
N GLY A 90 3.45 -14.44 35.52
CA GLY A 90 3.38 -12.98 35.48
C GLY A 90 2.84 -12.46 34.18
N LEU A 91 3.19 -13.12 33.08
CA LEU A 91 2.72 -12.70 31.75
C LEU A 91 1.20 -12.70 31.70
N LEU A 92 0.58 -13.79 32.19
CA LEU A 92 -0.87 -13.89 32.20
C LEU A 92 -1.53 -12.99 33.25
N ALA A 93 -0.80 -12.67 34.31
CA ALA A 93 -1.32 -11.78 35.34
C ALA A 93 -1.36 -10.38 34.75
N PHE A 94 -0.32 -10.04 33.99
CA PHE A 94 -0.20 -8.74 33.34
C PHE A 94 -1.12 -8.59 32.13
N SER A 95 -1.28 -9.67 31.37
CA SER A 95 -2.11 -9.67 30.17
C SER A 95 -3.04 -10.89 30.18
N PRO A 96 -4.13 -10.85 30.97
CA PRO A 96 -5.06 -11.99 31.01
C PRO A 96 -5.77 -12.24 29.69
N GLU A 97 -5.89 -11.20 28.86
CA GLU A 97 -6.54 -11.33 27.56
C GLU A 97 -5.47 -11.40 26.46
N LYS A 98 -5.86 -11.97 25.32
CA LYS A 98 -4.99 -12.11 24.16
C LYS A 98 -4.41 -10.75 23.77
N PRO A 99 -3.07 -10.62 23.70
CA PRO A 99 -2.45 -9.34 23.35
C PRO A 99 -2.62 -8.93 21.89
N GLY A 100 -2.17 -7.72 21.58
CA GLY A 100 -2.30 -7.18 20.22
C GLY A 100 -1.41 -7.70 19.10
N THR A 101 -0.11 -7.80 19.34
CA THR A 101 0.79 -8.25 18.28
C THR A 101 0.90 -9.77 18.17
N THR A 102 1.27 -10.24 16.99
CA THR A 102 1.43 -11.67 16.76
C THR A 102 2.50 -12.25 17.69
N GLU A 103 3.65 -11.57 17.81
CA GLU A 103 4.73 -12.05 18.67
C GLU A 103 4.24 -12.21 20.12
N ALA A 104 3.55 -11.19 20.62
CA ALA A 104 3.01 -11.24 21.99
C ALA A 104 1.99 -12.37 22.12
N GLN A 105 1.23 -12.61 21.05
CA GLN A 105 0.22 -13.67 21.04
C GLN A 105 0.87 -15.03 21.12
N CYS A 106 2.01 -15.20 20.45
CA CYS A 106 2.75 -16.46 20.48
C CYS A 106 3.15 -16.74 21.93
N ASN A 107 3.66 -15.70 22.60
CA ASN A 107 4.09 -15.82 23.99
C ASN A 107 2.92 -16.00 24.95
N TYR A 108 1.79 -15.39 24.64
CA TYR A 108 0.60 -15.52 25.47
C TYR A 108 0.13 -16.97 25.50
N TYR A 109 0.08 -17.61 24.33
CA TYR A 109 -0.36 -19.00 24.28
C TYR A 109 0.67 -19.97 24.85
N TYR A 110 1.95 -19.64 24.72
CA TYR A 110 2.98 -20.50 25.31
C TYR A 110 2.85 -20.39 26.84
N ALA A 111 2.49 -19.19 27.32
CA ALA A 111 2.30 -18.99 28.77
C ALA A 111 1.12 -19.82 29.24
N LYS A 112 0.09 -19.94 28.41
CA LYS A 112 -1.08 -20.74 28.73
C LYS A 112 -0.67 -22.21 28.89
N TRP A 113 0.14 -22.72 27.97
CA TRP A 113 0.62 -24.10 28.05
C TRP A 113 1.42 -24.31 29.34
N ASN A 114 2.34 -23.39 29.61
CA ASN A 114 3.18 -23.45 30.80
C ASN A 114 2.42 -23.40 32.11
N THR A 115 1.19 -22.90 32.06
CA THR A 115 0.38 -22.79 33.27
C THR A 115 -0.80 -23.74 33.27
N GLY A 116 -0.61 -24.88 32.59
CA GLY A 116 -1.61 -25.93 32.52
C GLY A 116 -2.86 -25.72 31.68
N GLN A 117 -2.86 -24.71 30.82
CA GLN A 117 -4.02 -24.45 29.97
C GLN A 117 -3.72 -24.90 28.53
N SER A 118 -3.47 -26.21 28.38
CA SER A 118 -3.13 -26.79 27.08
C SER A 118 -4.17 -26.63 25.99
N GLU A 119 -5.43 -26.95 26.31
CA GLU A 119 -6.50 -26.86 25.32
C GLU A 119 -6.59 -25.45 24.74
N GLU A 120 -6.44 -24.44 25.59
CA GLU A 120 -6.50 -23.07 25.14
C GLU A 120 -5.24 -22.71 24.35
N ALA A 121 -4.10 -23.24 24.79
CA ALA A 121 -2.83 -23.02 24.11
C ALA A 121 -2.89 -23.57 22.68
N TRP A 122 -3.52 -24.73 22.51
CA TRP A 122 -3.64 -25.36 21.20
C TRP A 122 -4.58 -24.61 20.25
N GLN A 123 -5.65 -24.05 20.79
CA GLN A 123 -6.60 -23.27 20.01
C GLN A 123 -5.87 -22.05 19.44
N GLY A 124 -5.08 -21.39 20.26
CA GLY A 124 -4.34 -20.21 19.82
C GLY A 124 -3.24 -20.56 18.83
N ALA A 125 -2.52 -21.65 19.12
CA ALA A 125 -1.44 -22.14 18.27
C ALA A 125 -1.94 -22.41 16.85
N LYS A 126 -3.07 -23.12 16.75
CA LYS A 126 -3.63 -23.46 15.45
C LYS A 126 -3.99 -22.21 14.65
N GLU A 127 -4.51 -21.19 15.33
CA GLU A 127 -4.87 -19.93 14.68
C GLU A 127 -3.62 -19.19 14.18
N LEU A 128 -2.54 -19.25 14.95
CA LEU A 128 -1.29 -18.60 14.56
C LEU A 128 -0.56 -19.40 13.48
N TRP A 129 -0.81 -20.70 13.47
CA TRP A 129 -0.19 -21.63 12.53
C TRP A 129 -0.73 -21.56 11.11
N LEU A 130 -2.04 -21.41 10.98
CA LEU A 130 -2.69 -21.38 9.67
C LEU A 130 -2.48 -20.13 8.82
N THR A 131 -1.24 -19.97 8.38
CA THR A 131 -0.83 -18.86 7.53
C THR A 131 0.40 -19.24 6.73
N GLY A 132 0.49 -18.77 5.49
CA GLY A 132 1.63 -19.04 4.64
C GLY A 132 2.79 -18.12 4.96
N LYS A 133 2.51 -17.12 5.79
CA LYS A 133 3.50 -16.14 6.22
C LYS A 133 4.43 -16.73 7.29
N SER A 134 5.69 -16.33 7.28
CA SER A 134 6.63 -16.78 8.32
C SER A 134 6.26 -15.99 9.57
N GLN A 135 5.97 -16.69 10.66
CA GLN A 135 5.59 -16.06 11.92
C GLN A 135 6.79 -15.70 12.82
N PRO A 136 6.55 -14.90 13.88
CA PRO A 136 7.67 -14.53 14.77
C PRO A 136 8.40 -15.75 15.36
N ASN A 137 9.69 -15.58 15.61
CA ASN A 137 10.52 -16.65 16.17
C ASN A 137 9.91 -17.14 17.49
N ALA A 138 9.24 -16.24 18.21
CA ALA A 138 8.60 -16.57 19.49
C ALA A 138 7.58 -17.71 19.40
N CYS A 139 7.00 -17.89 18.22
CA CYS A 139 6.01 -18.94 17.99
C CYS A 139 6.61 -20.32 17.83
N ASP A 140 7.90 -20.39 17.51
CA ASP A 140 8.56 -21.69 17.31
C ASP A 140 8.40 -22.63 18.50
N LYS A 141 8.62 -22.12 19.71
CA LYS A 141 8.47 -22.93 20.91
C LYS A 141 7.01 -23.38 21.10
N LEU A 142 6.07 -22.54 20.68
CA LEU A 142 4.65 -22.85 20.80
C LEU A 142 4.26 -23.97 19.83
N PHE A 143 4.68 -23.84 18.57
CA PHE A 143 4.37 -24.83 17.55
C PHE A 143 5.01 -26.17 17.93
N SER A 144 6.20 -26.11 18.53
CA SER A 144 6.94 -27.30 18.96
C SER A 144 6.19 -28.10 20.04
N VAL A 145 5.81 -27.44 21.14
CA VAL A 145 5.08 -28.14 22.22
C VAL A 145 3.70 -28.58 21.74
N TRP A 146 3.11 -27.82 20.83
CA TRP A 146 1.80 -28.15 20.27
C TRP A 146 1.89 -29.49 19.54
N ARG A 147 2.90 -29.62 18.69
CA ARG A 147 3.12 -30.85 17.93
C ARG A 147 3.47 -32.01 18.86
N ALA A 148 4.27 -31.71 19.88
CA ALA A 148 4.70 -32.72 20.86
C ALA A 148 3.56 -33.26 21.71
N SER A 149 2.45 -32.54 21.79
CA SER A 149 1.30 -32.95 22.59
C SER A 149 0.47 -34.04 21.92
N GLY A 150 0.60 -34.17 20.61
CA GLY A 150 -0.16 -35.15 19.86
C GLY A 150 -1.48 -34.56 19.42
N LYS A 151 -1.72 -33.29 19.75
CA LYS A 151 -2.98 -32.63 19.40
C LYS A 151 -2.92 -31.87 18.07
N GLN A 152 -1.77 -31.87 17.42
CA GLN A 152 -1.64 -31.17 16.15
C GLN A 152 -2.15 -32.06 15.02
N ASP A 153 -3.31 -31.70 14.48
CA ASP A 153 -3.94 -32.43 13.38
C ASP A 153 -2.98 -32.41 12.18
N PRO A 154 -2.58 -33.59 11.67
CA PRO A 154 -1.67 -33.64 10.52
C PRO A 154 -2.20 -32.90 9.30
N LEU A 155 -3.52 -32.83 9.15
CA LEU A 155 -4.12 -32.12 8.03
C LEU A 155 -3.84 -30.63 8.14
N ALA A 156 -3.75 -30.13 9.38
CA ALA A 156 -3.46 -28.72 9.62
C ALA A 156 -2.00 -28.46 9.21
N TYR A 157 -1.15 -29.46 9.43
CA TYR A 157 0.27 -29.34 9.07
C TYR A 157 0.39 -29.23 7.56
N LEU A 158 -0.25 -30.14 6.84
CA LEU A 158 -0.21 -30.15 5.39
C LEU A 158 -0.85 -28.86 4.83
N GLU A 159 -1.85 -28.34 5.53
CA GLU A 159 -2.52 -27.12 5.11
C GLU A 159 -1.59 -25.91 5.12
N ARG A 160 -0.70 -25.81 6.11
CA ARG A 160 0.21 -24.67 6.16
C ARG A 160 1.19 -24.74 5.01
N ILE A 161 1.53 -25.96 4.59
CA ILE A 161 2.45 -26.15 3.46
C ILE A 161 1.80 -25.59 2.20
N ARG A 162 0.49 -25.85 2.05
CA ARG A 162 -0.27 -25.36 0.90
C ARG A 162 -0.32 -23.83 0.93
N LEU A 163 -0.60 -23.27 2.11
CA LEU A 163 -0.67 -21.82 2.29
C LEU A 163 0.69 -21.15 2.03
N ALA A 164 1.75 -21.77 2.50
CA ALA A 164 3.10 -21.24 2.29
C ALA A 164 3.47 -21.24 0.81
N MET A 165 3.12 -22.31 0.10
CA MET A 165 3.40 -22.43 -1.33
C MET A 165 2.66 -21.34 -2.10
N LYS A 166 1.37 -21.17 -1.79
CA LYS A 166 0.55 -20.16 -2.45
C LYS A 166 1.09 -18.75 -2.22
N ALA A 167 1.66 -18.52 -1.04
CA ALA A 167 2.21 -17.21 -0.68
C ALA A 167 3.61 -17.00 -1.27
N GLY A 168 4.16 -18.01 -1.92
CA GLY A 168 5.49 -17.90 -2.49
C GLY A 168 6.57 -18.04 -1.44
N ASN A 169 6.18 -18.51 -0.25
CA ASN A 169 7.12 -18.70 0.86
C ASN A 169 7.69 -20.12 0.73
N THR A 170 8.49 -20.33 -0.33
CA THR A 170 9.11 -21.63 -0.60
C THR A 170 10.12 -22.07 0.47
N GLY A 171 10.73 -21.10 1.16
CA GLY A 171 11.66 -21.44 2.23
C GLY A 171 10.90 -22.16 3.33
N LEU A 172 9.71 -21.65 3.68
CA LEU A 172 8.87 -22.26 4.71
C LEU A 172 8.33 -23.61 4.23
N VAL A 173 7.95 -23.70 2.95
CA VAL A 173 7.45 -24.95 2.41
C VAL A 173 8.49 -26.06 2.66
N THR A 174 9.75 -25.72 2.38
CA THR A 174 10.87 -26.63 2.53
C THR A 174 11.15 -27.05 3.97
N VAL A 175 11.12 -26.08 4.89
CA VAL A 175 11.34 -26.37 6.30
C VAL A 175 10.25 -27.30 6.84
N LEU A 176 8.99 -27.03 6.47
CA LEU A 176 7.87 -27.85 6.92
C LEU A 176 7.97 -29.27 6.37
N ALA A 177 8.30 -29.40 5.09
CA ALA A 177 8.43 -30.71 4.46
C ALA A 177 9.64 -31.47 5.04
N GLY A 178 10.64 -30.73 5.50
CA GLY A 178 11.82 -31.36 6.09
C GLY A 178 11.50 -31.99 7.44
N GLN A 179 10.45 -31.49 8.10
CA GLN A 179 10.03 -32.02 9.40
C GLN A 179 8.65 -32.67 9.24
N MET A 180 8.37 -33.17 8.04
CA MET A 180 7.07 -33.79 7.74
C MET A 180 6.65 -34.93 8.67
N PRO A 181 5.38 -34.92 9.12
CA PRO A 181 4.87 -35.97 9.99
C PRO A 181 4.89 -37.26 9.16
N ALA A 182 5.02 -38.41 9.82
CA ALA A 182 5.07 -39.70 9.13
C ALA A 182 3.95 -39.93 8.13
N ASP A 183 2.78 -39.37 8.41
CA ASP A 183 1.61 -39.51 7.55
C ASP A 183 1.87 -39.16 6.08
N TYR A 184 2.64 -38.10 5.85
CA TYR A 184 2.92 -37.61 4.51
C TYR A 184 4.38 -37.66 4.08
N GLN A 185 5.17 -38.44 4.82
CA GLN A 185 6.60 -38.56 4.55
C GLN A 185 6.90 -38.97 3.11
N THR A 186 6.04 -39.80 2.52
CA THR A 186 6.24 -40.29 1.16
C THR A 186 6.32 -39.19 0.08
N ILE A 187 5.72 -38.03 0.34
CA ILE A 187 5.79 -36.93 -0.63
C ILE A 187 6.66 -35.77 -0.19
N ALA A 188 7.30 -35.90 0.96
CA ALA A 188 8.15 -34.83 1.50
C ALA A 188 9.26 -34.39 0.54
N SER A 189 10.02 -35.36 0.03
CA SER A 189 11.12 -35.08 -0.88
C SER A 189 10.66 -34.40 -2.16
N ALA A 190 9.52 -34.85 -2.70
CA ALA A 190 8.96 -34.26 -3.93
C ALA A 190 8.58 -32.80 -3.69
N ILE A 191 7.99 -32.52 -2.53
CA ILE A 191 7.60 -31.16 -2.18
C ILE A 191 8.82 -30.26 -2.07
N ILE A 192 9.87 -30.76 -1.42
CA ILE A 192 11.09 -29.98 -1.28
C ILE A 192 11.67 -29.69 -2.66
N SER A 193 11.60 -30.66 -3.56
CA SER A 193 12.12 -30.47 -4.92
C SER A 193 11.33 -29.42 -5.71
N LEU A 194 10.01 -29.37 -5.45
CA LEU A 194 9.11 -28.44 -6.12
C LEU A 194 9.35 -27.00 -5.64
N ALA A 195 9.52 -26.84 -4.33
CA ALA A 195 9.78 -25.51 -3.75
C ALA A 195 11.16 -25.00 -4.18
N ASN A 196 12.12 -25.91 -4.32
CA ASN A 196 13.48 -25.54 -4.73
C ASN A 196 13.53 -25.13 -6.20
N ASN A 197 12.82 -25.86 -7.04
CA ASN A 197 12.79 -25.61 -8.47
C ASN A 197 11.42 -26.00 -9.04
N PRO A 198 10.60 -24.99 -9.41
CA PRO A 198 9.26 -25.19 -9.96
C PRO A 198 9.23 -25.95 -11.28
N ASN A 199 10.39 -26.09 -11.92
CA ASN A 199 10.47 -26.82 -13.19
C ASN A 199 10.34 -28.33 -13.02
N THR A 200 10.32 -28.79 -11.77
CA THR A 200 10.15 -30.22 -11.50
C THR A 200 8.66 -30.56 -11.37
N VAL A 201 7.79 -29.62 -11.76
CA VAL A 201 6.35 -29.80 -11.64
C VAL A 201 5.72 -31.00 -12.34
N LEU A 202 6.17 -31.32 -13.56
CA LEU A 202 5.61 -32.46 -14.27
C LEU A 202 6.01 -33.76 -13.55
N THR A 203 7.26 -33.83 -13.10
CA THR A 203 7.77 -35.00 -12.37
C THR A 203 6.96 -35.14 -11.07
N PHE A 204 6.82 -34.02 -10.35
CA PHE A 204 6.05 -33.98 -9.10
C PHE A 204 4.63 -34.52 -9.33
N ALA A 205 3.99 -34.05 -10.39
CA ALA A 205 2.63 -34.43 -10.76
C ALA A 205 2.46 -35.91 -11.10
N ARG A 206 3.43 -36.47 -11.81
CA ARG A 206 3.39 -37.86 -12.21
C ARG A 206 3.80 -38.84 -11.12
N THR A 207 4.74 -38.45 -10.26
CA THR A 207 5.23 -39.32 -9.19
C THR A 207 4.45 -39.27 -7.87
N THR A 208 3.49 -38.36 -7.75
CA THR A 208 2.69 -38.28 -6.54
C THR A 208 1.24 -38.54 -6.91
N GLY A 209 0.48 -39.04 -5.94
CA GLY A 209 -0.92 -39.32 -6.17
C GLY A 209 -1.64 -37.99 -6.32
N ALA A 210 -2.51 -37.89 -7.33
CA ALA A 210 -3.26 -36.68 -7.59
C ALA A 210 -4.38 -36.52 -6.57
N THR A 211 -4.36 -35.40 -5.87
CA THR A 211 -5.33 -35.07 -4.84
C THR A 211 -5.50 -33.55 -4.89
N ASP A 212 -6.45 -33.01 -4.13
CA ASP A 212 -6.64 -31.57 -4.14
C ASP A 212 -5.35 -30.88 -3.70
N PHE A 213 -4.65 -31.49 -2.75
CA PHE A 213 -3.40 -30.92 -2.25
C PHE A 213 -2.33 -30.86 -3.34
N THR A 214 -2.02 -31.99 -3.97
CA THR A 214 -0.99 -32.01 -5.00
C THR A 214 -1.35 -31.21 -6.25
N ARG A 215 -2.65 -31.09 -6.54
CA ARG A 215 -3.09 -30.31 -7.69
C ARG A 215 -2.83 -28.83 -7.43
N GLN A 216 -3.17 -28.36 -6.22
CA GLN A 216 -2.94 -26.97 -5.86
C GLN A 216 -1.46 -26.65 -5.77
N MET A 217 -0.68 -27.59 -5.25
CA MET A 217 0.76 -27.38 -5.15
C MET A 217 1.35 -27.27 -6.56
N ALA A 218 0.92 -28.15 -7.45
CA ALA A 218 1.43 -28.15 -8.83
C ALA A 218 0.99 -26.90 -9.58
N ALA A 219 -0.24 -26.44 -9.35
CA ALA A 219 -0.73 -25.25 -10.03
C ALA A 219 0.09 -24.00 -9.68
N VAL A 220 0.58 -23.91 -8.43
CA VAL A 220 1.39 -22.78 -8.02
C VAL A 220 2.75 -22.84 -8.73
N ALA A 221 3.38 -24.00 -8.71
CA ALA A 221 4.66 -24.18 -9.37
C ALA A 221 4.52 -23.93 -10.87
N PHE A 222 3.37 -24.30 -11.43
CA PHE A 222 3.11 -24.12 -12.85
C PHE A 222 3.17 -22.63 -13.21
N ALA A 223 2.60 -21.78 -12.35
CA ALA A 223 2.62 -20.35 -12.58
C ALA A 223 4.05 -19.81 -12.51
N SER A 224 4.88 -20.40 -11.65
CA SER A 224 6.27 -19.95 -11.55
C SER A 224 6.98 -20.31 -12.85
N VAL A 225 6.67 -21.48 -13.40
CA VAL A 225 7.27 -21.93 -14.66
C VAL A 225 6.85 -21.00 -15.81
N ALA A 226 5.57 -20.66 -15.86
CA ALA A 226 5.03 -19.78 -16.90
C ALA A 226 5.67 -18.41 -16.87
N ARG A 227 6.06 -17.98 -15.67
CA ARG A 227 6.69 -16.67 -15.48
C ARG A 227 8.11 -16.66 -16.04
N GLN A 228 8.78 -17.80 -15.97
CA GLN A 228 10.14 -17.93 -16.50
C GLN A 228 10.10 -18.21 -18.00
N ASP A 229 9.14 -19.03 -18.43
CA ASP A 229 9.01 -19.42 -19.84
C ASP A 229 7.55 -19.77 -20.16
N ALA A 230 6.83 -18.81 -20.75
CA ALA A 230 5.42 -19.00 -21.08
C ALA A 230 5.15 -20.13 -22.08
N GLU A 231 6.08 -20.34 -23.01
CA GLU A 231 5.90 -21.38 -24.01
C GLU A 231 6.06 -22.77 -23.38
N ASN A 232 7.06 -22.90 -22.51
CA ASN A 232 7.32 -24.17 -21.82
C ASN A 232 6.06 -24.59 -21.05
N ALA A 233 5.42 -23.63 -20.39
CA ALA A 233 4.20 -23.92 -19.64
C ALA A 233 3.04 -24.19 -20.57
N ARG A 234 2.94 -23.45 -21.67
CA ARG A 234 1.85 -23.66 -22.62
C ARG A 234 1.85 -25.08 -23.14
N LEU A 235 3.03 -25.55 -23.54
CA LEU A 235 3.20 -26.91 -24.08
C LEU A 235 3.03 -28.03 -23.04
N MET A 236 3.15 -27.68 -21.76
CA MET A 236 3.04 -28.65 -20.69
C MET A 236 1.61 -28.96 -20.21
N ILE A 237 0.66 -28.09 -20.54
CA ILE A 237 -0.71 -28.29 -20.09
C ILE A 237 -1.31 -29.67 -20.34
N PRO A 238 -1.21 -30.21 -21.57
CA PRO A 238 -1.78 -31.53 -21.81
C PRO A 238 -1.23 -32.60 -20.85
N SER A 239 0.09 -32.68 -20.75
CA SER A 239 0.72 -33.67 -19.87
C SER A 239 0.37 -33.51 -18.40
N LEU A 240 0.25 -32.26 -17.95
CA LEU A 240 -0.08 -31.99 -16.55
C LEU A 240 -1.54 -32.36 -16.24
N ALA A 241 -2.43 -32.04 -17.16
CA ALA A 241 -3.85 -32.34 -16.99
C ALA A 241 -4.05 -33.86 -16.95
N GLN A 242 -3.28 -34.59 -17.76
CA GLN A 242 -3.37 -36.04 -17.82
C GLN A 242 -2.73 -36.67 -16.58
N ALA A 243 -1.61 -36.12 -16.14
CA ALA A 243 -0.90 -36.63 -14.97
C ALA A 243 -1.69 -36.51 -13.66
N GLN A 244 -2.54 -35.50 -13.57
CA GLN A 244 -3.34 -35.29 -12.36
C GLN A 244 -4.85 -35.38 -12.58
N GLN A 245 -5.25 -35.90 -13.74
CA GLN A 245 -6.67 -36.07 -14.10
C GLN A 245 -7.47 -34.80 -13.77
N LEU A 246 -6.93 -33.65 -14.18
CA LEU A 246 -7.58 -32.36 -13.90
C LEU A 246 -8.93 -32.18 -14.57
N ASN A 247 -9.88 -31.59 -13.84
CA ASN A 247 -11.19 -31.34 -14.38
C ASN A 247 -11.16 -30.08 -15.25
N GLU A 248 -12.31 -29.73 -15.83
CA GLU A 248 -12.38 -28.55 -16.69
C GLU A 248 -11.97 -27.23 -16.04
N ASP A 249 -12.43 -26.98 -14.82
CA ASP A 249 -12.08 -25.75 -14.12
C ASP A 249 -10.59 -25.67 -13.84
N GLN A 250 -10.00 -26.79 -13.45
CA GLN A 250 -8.58 -26.85 -13.14
C GLN A 250 -7.73 -26.63 -14.39
N ILE A 251 -8.17 -27.17 -15.52
CA ILE A 251 -7.44 -27.00 -16.78
C ILE A 251 -7.51 -25.55 -17.25
N GLN A 252 -8.68 -24.92 -17.04
CA GLN A 252 -8.86 -23.53 -17.43
C GLN A 252 -7.98 -22.62 -16.58
N GLU A 253 -7.78 -22.97 -15.32
CA GLU A 253 -6.93 -22.14 -14.46
C GLU A 253 -5.53 -22.17 -15.04
N LEU A 254 -5.11 -23.33 -15.54
CA LEU A 254 -3.78 -23.46 -16.14
C LEU A 254 -3.71 -22.62 -17.41
N ARG A 255 -4.82 -22.57 -18.15
CA ARG A 255 -4.86 -21.78 -19.39
C ARG A 255 -4.74 -20.30 -19.04
N ASP A 256 -5.45 -19.87 -17.99
CA ASP A 256 -5.43 -18.47 -17.55
C ASP A 256 -4.02 -18.04 -17.17
N ILE A 257 -3.31 -18.93 -16.47
CA ILE A 257 -1.96 -18.64 -16.02
C ILE A 257 -1.03 -18.36 -17.19
N VAL A 258 -1.10 -19.20 -18.23
CA VAL A 258 -0.25 -19.01 -19.40
C VAL A 258 -0.67 -17.76 -20.20
N ALA A 259 -1.97 -17.55 -20.33
CA ALA A 259 -2.49 -16.40 -21.08
C ALA A 259 -1.97 -15.07 -20.54
N TRP A 260 -1.82 -14.99 -19.21
CA TRP A 260 -1.30 -13.80 -18.54
C TRP A 260 0.11 -13.50 -18.99
N ARG A 261 0.86 -14.56 -19.30
CA ARG A 261 2.25 -14.43 -19.72
C ARG A 261 2.43 -14.25 -21.23
N LEU A 262 1.33 -14.18 -21.96
CA LEU A 262 1.41 -14.01 -23.41
C LEU A 262 0.83 -12.65 -23.83
N MET A 263 0.94 -11.68 -22.94
CA MET A 263 0.44 -10.33 -23.18
C MET A 263 1.52 -9.39 -23.71
N GLY A 264 2.70 -9.93 -23.94
CA GLY A 264 3.80 -9.13 -24.45
C GLY A 264 3.70 -8.79 -25.93
N ASN A 265 4.65 -7.98 -26.38
CA ASN A 265 4.74 -7.53 -27.77
C ASN A 265 5.40 -8.59 -28.67
N ASP A 266 6.20 -9.44 -28.04
CA ASP A 266 6.97 -10.50 -28.71
C ASP A 266 6.23 -11.80 -29.07
N VAL A 267 4.98 -11.93 -28.65
CA VAL A 267 4.21 -13.15 -28.91
C VAL A 267 4.05 -13.51 -30.40
N THR A 268 4.18 -14.81 -30.70
CA THR A 268 4.05 -15.30 -32.07
C THR A 268 2.57 -15.39 -32.42
N ASP A 269 2.27 -15.65 -33.70
CA ASP A 269 0.88 -15.77 -34.14
C ASP A 269 0.20 -17.00 -33.54
N GLU A 270 0.93 -18.10 -33.45
CA GLU A 270 0.40 -19.33 -32.86
C GLU A 270 0.07 -19.09 -31.38
N GLN A 271 0.98 -18.43 -30.68
CA GLN A 271 0.80 -18.12 -29.26
C GLN A 271 -0.36 -17.17 -29.03
N ALA A 272 -0.49 -16.16 -29.89
CA ALA A 272 -1.57 -15.16 -29.79
C ALA A 272 -2.94 -15.78 -30.03
N LYS A 273 -3.03 -16.71 -30.97
CA LYS A 273 -4.28 -17.40 -31.30
C LYS A 273 -4.67 -18.31 -30.13
N TRP A 274 -3.69 -19.02 -29.58
CA TRP A 274 -3.94 -19.91 -28.46
C TRP A 274 -4.39 -19.08 -27.24
N ARG A 275 -3.72 -17.96 -27.02
CA ARG A 275 -4.02 -17.06 -25.91
C ARG A 275 -5.46 -16.57 -25.97
N ASP A 276 -5.87 -16.07 -27.13
CA ASP A 276 -7.23 -15.57 -27.28
C ASP A 276 -8.32 -16.62 -27.14
N ASP A 277 -8.01 -17.86 -27.52
CA ASP A 277 -8.97 -18.94 -27.37
C ASP A 277 -9.12 -19.22 -25.86
N ALA A 278 -7.99 -19.22 -25.16
CA ALA A 278 -8.00 -19.46 -23.71
C ALA A 278 -8.78 -18.40 -22.96
N ILE A 279 -8.59 -17.13 -23.35
CA ILE A 279 -9.29 -16.03 -22.70
C ILE A 279 -10.79 -16.07 -23.01
N MET A 280 -11.14 -16.54 -24.20
CA MET A 280 -12.55 -16.65 -24.60
C MET A 280 -13.27 -17.67 -23.70
N ARG A 281 -12.52 -18.67 -23.24
CA ARG A 281 -13.06 -19.72 -22.37
C ARG A 281 -12.87 -19.42 -20.88
N SER A 282 -12.28 -18.27 -20.57
CA SER A 282 -12.02 -17.89 -19.19
C SER A 282 -13.19 -17.24 -18.47
N GLN A 283 -13.14 -17.30 -17.15
CA GLN A 283 -14.15 -16.70 -16.26
C GLN A 283 -13.47 -15.59 -15.44
N SER A 284 -12.18 -15.40 -15.67
CA SER A 284 -11.39 -14.40 -14.97
C SER A 284 -11.59 -12.98 -15.48
N THR A 285 -12.20 -12.14 -14.65
CA THR A 285 -12.44 -10.75 -14.99
C THR A 285 -11.13 -9.99 -15.25
N SER A 286 -10.16 -10.12 -14.35
CA SER A 286 -8.88 -9.43 -14.47
C SER A 286 -8.13 -9.81 -15.75
N LEU A 287 -8.22 -11.08 -16.14
CA LEU A 287 -7.55 -11.56 -17.35
C LEU A 287 -8.22 -10.92 -18.58
N ILE A 288 -9.55 -10.90 -18.59
CA ILE A 288 -10.28 -10.29 -19.69
C ILE A 288 -9.96 -8.80 -19.76
N GLU A 289 -9.88 -8.14 -18.60
CA GLU A 289 -9.56 -6.72 -18.55
C GLU A 289 -8.15 -6.46 -19.10
N ARG A 290 -7.22 -7.36 -18.80
CA ARG A 290 -5.85 -7.20 -19.32
C ARG A 290 -5.88 -7.29 -20.84
N ARG A 291 -6.70 -8.19 -21.37
CA ARG A 291 -6.84 -8.37 -22.82
C ARG A 291 -7.45 -7.12 -23.46
N VAL A 292 -8.40 -6.49 -22.75
CA VAL A 292 -9.03 -5.26 -23.22
C VAL A 292 -7.94 -4.17 -23.30
N ARG A 293 -7.10 -4.13 -22.27
CA ARG A 293 -6.02 -3.14 -22.24
C ARG A 293 -5.03 -3.37 -23.37
N MET A 294 -4.86 -4.63 -23.78
CA MET A 294 -3.96 -4.93 -24.90
C MET A 294 -4.55 -4.34 -26.18
N ALA A 295 -5.86 -4.44 -26.34
CA ALA A 295 -6.54 -3.88 -27.53
C ALA A 295 -6.41 -2.36 -27.52
N LEU A 296 -6.59 -1.75 -26.34
CA LEU A 296 -6.48 -0.29 -26.20
C LEU A 296 -5.06 0.21 -26.46
N GLY A 297 -4.08 -0.56 -26.01
CA GLY A 297 -2.68 -0.16 -26.18
C GLY A 297 -2.14 -0.37 -27.58
N THR A 298 -2.92 -0.97 -28.46
CA THR A 298 -2.48 -1.22 -29.84
C THR A 298 -3.37 -0.58 -30.88
N GLY A 299 -4.41 0.14 -30.43
CA GLY A 299 -5.34 0.80 -31.34
C GLY A 299 -6.23 -0.18 -32.09
N ASP A 300 -6.46 -1.34 -31.49
CA ASP A 300 -7.27 -2.38 -32.12
C ASP A 300 -8.77 -2.13 -31.84
N ARG A 301 -9.43 -1.44 -32.77
CA ARG A 301 -10.85 -1.11 -32.63
C ARG A 301 -11.77 -2.33 -32.56
N ARG A 302 -11.59 -3.29 -33.48
CA ARG A 302 -12.41 -4.49 -33.46
C ARG A 302 -12.15 -5.31 -32.20
N GLY A 303 -10.90 -5.30 -31.77
CA GLY A 303 -10.52 -6.04 -30.57
C GLY A 303 -11.15 -5.41 -29.35
N LEU A 304 -11.21 -4.09 -29.30
CA LEU A 304 -11.81 -3.41 -28.17
C LEU A 304 -13.28 -3.77 -28.06
N ASN A 305 -13.99 -3.76 -29.19
CA ASN A 305 -15.40 -4.10 -29.22
C ASN A 305 -15.60 -5.54 -28.76
N THR A 306 -14.79 -6.45 -29.30
CA THR A 306 -14.88 -7.87 -28.95
C THR A 306 -14.65 -8.15 -27.47
N TRP A 307 -13.52 -7.69 -26.94
CA TRP A 307 -13.18 -7.95 -25.55
C TRP A 307 -13.96 -7.18 -24.49
N LEU A 308 -14.39 -5.96 -24.81
CA LEU A 308 -15.19 -5.17 -23.87
C LEU A 308 -16.49 -5.93 -23.63
N ALA A 309 -17.00 -6.57 -24.69
CA ALA A 309 -18.25 -7.33 -24.64
C ALA A 309 -18.12 -8.62 -23.85
N ARG A 310 -16.89 -9.13 -23.72
CA ARG A 310 -16.64 -10.37 -22.97
C ARG A 310 -16.60 -10.15 -21.46
N LEU A 311 -16.53 -8.89 -21.05
CA LEU A 311 -16.48 -8.57 -19.62
C LEU A 311 -17.81 -8.90 -18.96
N PRO A 312 -17.76 -9.47 -17.75
CA PRO A 312 -19.02 -9.80 -17.09
C PRO A 312 -19.73 -8.48 -16.75
N MET A 313 -21.05 -8.54 -16.69
CA MET A 313 -21.90 -7.38 -16.41
C MET A 313 -21.37 -6.48 -15.31
N GLU A 314 -20.90 -7.09 -14.23
CA GLU A 314 -20.38 -6.37 -13.07
C GLU A 314 -19.17 -5.48 -13.39
N ALA A 315 -18.23 -6.01 -14.18
CA ALA A 315 -17.05 -5.27 -14.56
C ALA A 315 -17.43 -4.06 -15.44
N LYS A 316 -18.47 -4.23 -16.26
CA LYS A 316 -18.94 -3.17 -17.15
C LYS A 316 -19.45 -1.92 -16.41
N GLU A 317 -19.63 -2.05 -15.10
CA GLU A 317 -20.08 -0.94 -14.24
C GLU A 317 -18.94 0.04 -13.95
N LYS A 318 -17.70 -0.44 -14.09
CA LYS A 318 -16.53 0.41 -13.81
C LYS A 318 -16.44 1.64 -14.74
N ASP A 319 -16.07 2.77 -14.15
CA ASP A 319 -15.92 4.04 -14.88
C ASP A 319 -15.15 3.89 -16.19
N GLU A 320 -14.00 3.22 -16.14
CA GLU A 320 -13.19 3.05 -17.34
C GLU A 320 -13.90 2.33 -18.48
N TRP A 321 -14.60 1.23 -18.17
CA TRP A 321 -15.29 0.47 -19.20
C TRP A 321 -16.53 1.15 -19.73
N ARG A 322 -17.12 2.02 -18.92
CA ARG A 322 -18.28 2.79 -19.34
C ARG A 322 -17.79 3.84 -20.33
N TYR A 323 -16.65 4.46 -20.04
CA TYR A 323 -16.10 5.45 -20.96
C TYR A 323 -15.75 4.80 -22.29
N TRP A 324 -15.10 3.64 -22.24
CA TRP A 324 -14.70 2.97 -23.48
C TRP A 324 -15.90 2.41 -24.25
N GLN A 325 -17.02 2.21 -23.56
CA GLN A 325 -18.24 1.78 -24.23
C GLN A 325 -18.73 3.00 -25.03
N ALA A 326 -18.70 4.17 -24.40
CA ALA A 326 -19.12 5.42 -25.04
C ALA A 326 -18.21 5.73 -26.24
N ASP A 327 -16.90 5.49 -26.07
CA ASP A 327 -15.95 5.71 -27.14
C ASP A 327 -16.31 4.88 -28.38
N LEU A 328 -16.65 3.60 -28.18
CA LEU A 328 -17.06 2.72 -29.26
C LEU A 328 -18.34 3.21 -29.94
N LEU A 329 -19.33 3.57 -29.12
CA LEU A 329 -20.62 4.06 -29.60
C LEU A 329 -20.48 5.34 -30.42
N LEU A 330 -19.57 6.22 -30.00
CA LEU A 330 -19.33 7.47 -30.72
C LEU A 330 -18.86 7.17 -32.14
N GLU A 331 -17.89 6.25 -32.27
CA GLU A 331 -17.37 5.91 -33.59
C GLU A 331 -18.44 5.24 -34.46
N ARG A 332 -19.38 4.54 -33.81
CA ARG A 332 -20.47 3.86 -34.51
C ARG A 332 -21.60 4.82 -34.89
N GLY A 333 -21.46 6.09 -34.52
CA GLY A 333 -22.46 7.10 -34.84
C GLY A 333 -23.68 7.13 -33.94
N ARG A 334 -23.58 6.51 -32.78
CA ARG A 334 -24.68 6.46 -31.81
C ARG A 334 -24.41 7.56 -30.78
N GLU A 335 -24.54 8.81 -31.24
CA GLU A 335 -24.28 9.99 -30.43
C GLU A 335 -25.07 10.07 -29.11
N ALA A 336 -26.39 9.99 -29.20
CA ALA A 336 -27.24 10.08 -28.02
C ALA A 336 -26.89 9.09 -26.91
N GLU A 337 -26.77 7.82 -27.27
CA GLU A 337 -26.44 6.78 -26.29
C GLU A 337 -25.07 7.01 -25.66
N ALA A 338 -24.08 7.36 -26.49
CA ALA A 338 -22.72 7.61 -26.01
C ALA A 338 -22.67 8.81 -25.07
N LYS A 339 -23.27 9.92 -25.50
CA LYS A 339 -23.26 11.14 -24.69
C LYS A 339 -24.05 11.08 -23.39
N GLU A 340 -24.99 10.15 -23.31
CA GLU A 340 -25.74 9.99 -22.06
C GLU A 340 -24.81 9.32 -21.05
N ILE A 341 -24.00 8.36 -21.52
CA ILE A 341 -23.04 7.68 -20.65
C ILE A 341 -22.00 8.68 -20.14
N LEU A 342 -21.49 9.51 -21.06
CA LEU A 342 -20.50 10.54 -20.71
C LEU A 342 -21.09 11.54 -19.74
N HIS A 343 -22.34 11.96 -19.96
CA HIS A 343 -22.98 12.90 -19.05
C HIS A 343 -23.18 12.28 -17.66
N GLN A 344 -23.46 10.98 -17.60
CA GLN A 344 -23.60 10.29 -16.32
C GLN A 344 -22.25 10.23 -15.61
N LEU A 345 -21.18 10.03 -16.38
CA LEU A 345 -19.83 9.98 -15.82
C LEU A 345 -19.44 11.34 -15.25
N MET A 346 -19.82 12.40 -15.94
CA MET A 346 -19.52 13.75 -15.52
C MET A 346 -20.11 14.11 -14.15
N GLN A 347 -21.16 13.41 -13.75
CA GLN A 347 -21.81 13.64 -12.45
C GLN A 347 -21.00 13.07 -11.29
N GLN A 348 -20.08 12.16 -11.60
CA GLN A 348 -19.24 11.51 -10.59
C GLN A 348 -17.89 12.20 -10.39
N ARG A 349 -17.11 11.67 -9.44
CA ARG A 349 -15.80 12.23 -9.11
C ARG A 349 -14.67 11.34 -9.62
N GLY A 350 -13.63 11.93 -10.19
CA GLY A 350 -12.52 11.12 -10.66
C GLY A 350 -11.95 11.37 -12.02
N PHE A 351 -10.97 10.57 -12.37
CA PHE A 351 -10.28 10.67 -13.67
C PHE A 351 -11.23 10.59 -14.87
N TYR A 352 -11.93 9.46 -15.01
CA TYR A 352 -12.84 9.30 -16.14
C TYR A 352 -13.95 10.34 -16.20
N PRO A 353 -14.53 10.71 -15.04
CA PRO A 353 -15.58 11.72 -15.08
C PRO A 353 -15.03 13.00 -15.72
N MET A 354 -13.75 13.31 -15.44
CA MET A 354 -13.09 14.49 -16.01
C MET A 354 -12.72 14.26 -17.49
N VAL A 355 -12.35 13.03 -17.84
CA VAL A 355 -12.04 12.71 -19.25
C VAL A 355 -13.33 12.90 -20.06
N ALA A 356 -14.45 12.43 -19.51
CA ALA A 356 -15.76 12.52 -20.15
C ALA A 356 -16.12 13.94 -20.50
N ALA A 357 -15.88 14.85 -19.56
CA ALA A 357 -16.15 16.27 -19.73
C ALA A 357 -15.32 16.87 -20.87
N GLN A 358 -14.02 16.59 -20.87
CA GLN A 358 -13.15 17.10 -21.90
C GLN A 358 -13.49 16.50 -23.27
N ARG A 359 -13.91 15.24 -23.28
CA ARG A 359 -14.27 14.55 -24.53
C ARG A 359 -15.43 15.25 -25.25
N ILE A 360 -16.42 15.70 -24.49
CA ILE A 360 -17.56 16.37 -25.12
C ILE A 360 -17.52 17.90 -25.11
N GLY A 361 -16.38 18.46 -24.70
CA GLY A 361 -16.22 19.90 -24.70
C GLY A 361 -16.99 20.67 -23.64
N GLU A 362 -17.35 19.99 -22.55
CA GLU A 362 -18.08 20.64 -21.47
C GLU A 362 -17.20 20.83 -20.24
N GLU A 363 -17.43 21.91 -19.50
CA GLU A 363 -16.65 22.17 -18.29
C GLU A 363 -17.07 21.20 -17.19
N TYR A 364 -16.07 20.57 -16.57
CA TYR A 364 -16.33 19.62 -15.49
C TYR A 364 -16.69 20.38 -14.21
N GLU A 365 -17.74 19.92 -13.54
CA GLU A 365 -18.18 20.56 -12.30
C GLU A 365 -17.68 19.83 -11.07
N LEU A 366 -16.84 20.52 -10.30
CA LEU A 366 -16.31 19.94 -9.06
C LEU A 366 -17.33 20.03 -7.94
N LYS A 367 -17.68 18.89 -7.37
CA LYS A 367 -18.59 18.86 -6.24
C LYS A 367 -17.71 19.04 -4.99
N ILE A 368 -17.94 20.13 -4.25
CA ILE A 368 -17.18 20.41 -3.03
C ILE A 368 -18.10 20.55 -1.82
N ASP A 369 -18.11 19.55 -0.94
CA ASP A 369 -18.91 19.57 0.29
C ASP A 369 -18.10 20.34 1.33
N LYS A 370 -18.75 21.25 2.06
CA LYS A 370 -18.05 22.03 3.08
C LYS A 370 -18.15 21.40 4.47
N ALA A 371 -17.09 21.57 5.25
CA ALA A 371 -17.08 21.07 6.61
C ALA A 371 -17.99 22.00 7.41
N PRO A 372 -18.40 21.62 8.63
CA PRO A 372 -19.26 22.50 9.42
C PRO A 372 -18.62 23.86 9.72
N GLN A 373 -19.45 24.89 9.89
CA GLN A 373 -18.96 26.24 10.18
C GLN A 373 -18.22 26.28 11.52
N ASN A 374 -18.71 25.48 12.46
CA ASN A 374 -18.09 25.39 13.79
C ASN A 374 -17.33 24.08 13.90
N VAL A 375 -16.01 24.17 14.08
CA VAL A 375 -15.16 22.99 14.20
C VAL A 375 -14.77 22.65 15.64
N ASP A 376 -15.14 23.54 16.56
CA ASP A 376 -14.83 23.35 17.97
C ASP A 376 -15.79 22.40 18.67
N SER A 377 -15.26 21.25 19.06
CA SER A 377 -16.03 20.23 19.74
C SER A 377 -15.26 19.85 20.99
N ALA A 378 -15.77 18.88 21.74
CA ALA A 378 -15.09 18.42 22.94
C ALA A 378 -13.79 17.74 22.50
N LEU A 379 -13.82 17.20 21.29
CA LEU A 379 -12.66 16.50 20.74
C LEU A 379 -11.47 17.41 20.44
N THR A 380 -11.75 18.69 20.14
CA THR A 380 -10.68 19.65 19.86
C THR A 380 -10.16 20.35 21.12
N GLN A 381 -10.80 20.11 22.27
CA GLN A 381 -10.39 20.77 23.51
C GLN A 381 -9.85 19.82 24.59
N GLY A 382 -9.74 18.54 24.29
CA GLY A 382 -9.25 17.59 25.26
C GLY A 382 -7.74 17.38 25.28
N PRO A 383 -7.23 16.49 26.17
CA PRO A 383 -5.80 16.19 26.28
C PRO A 383 -5.15 15.57 25.04
N GLU A 384 -5.86 14.69 24.32
CA GLU A 384 -5.24 14.09 23.13
C GLU A 384 -4.97 15.16 22.03
N MET A 385 -5.88 16.11 21.87
CA MET A 385 -5.64 17.17 20.87
C MET A 385 -4.43 18.00 21.32
N ALA A 386 -4.31 18.25 22.62
CA ALA A 386 -3.17 19.03 23.15
C ALA A 386 -1.85 18.31 22.82
N ARG A 387 -1.84 16.97 22.86
CA ARG A 387 -0.63 16.25 22.51
C ARG A 387 -0.36 16.40 21.02
N VAL A 388 -1.42 16.30 20.20
CA VAL A 388 -1.28 16.45 18.76
C VAL A 388 -0.67 17.83 18.44
N ARG A 389 -1.15 18.87 19.13
CA ARG A 389 -0.64 20.22 18.91
C ARG A 389 0.87 20.30 19.18
N GLU A 390 1.32 19.70 20.29
CA GLU A 390 2.73 19.73 20.62
C GLU A 390 3.57 18.93 19.63
N LEU A 391 3.08 17.75 19.24
CA LEU A 391 3.80 16.89 18.29
C LEU A 391 4.01 17.59 16.95
N MET A 392 2.99 18.30 16.49
CA MET A 392 3.07 19.04 15.23
C MET A 392 4.02 20.24 15.35
N TYR A 393 4.01 20.87 16.52
CA TYR A 393 4.90 22.00 16.78
C TYR A 393 6.37 21.56 16.65
N TRP A 394 6.66 20.35 17.11
CA TRP A 394 8.02 19.79 17.02
C TRP A 394 8.27 19.07 15.69
N ASN A 395 7.32 19.15 14.77
CA ASN A 395 7.45 18.50 13.47
C ASN A 395 7.63 16.98 13.57
N LEU A 396 6.95 16.38 14.55
CA LEU A 396 6.99 14.95 14.76
C LEU A 396 5.73 14.38 14.12
N ASP A 397 5.65 14.51 12.81
CA ASP A 397 4.49 14.06 12.04
C ASP A 397 4.10 12.59 12.14
N ASN A 398 5.08 11.69 12.23
CA ASN A 398 4.75 10.27 12.33
C ASN A 398 4.11 9.95 13.68
N THR A 399 4.63 10.59 14.73
CA THR A 399 4.11 10.37 16.07
C THR A 399 2.72 11.01 16.18
N ALA A 400 2.55 12.17 15.56
CA ALA A 400 1.27 12.88 15.58
C ALA A 400 0.22 12.08 14.79
N ARG A 401 0.63 11.42 13.70
CA ARG A 401 -0.28 10.62 12.89
C ARG A 401 -0.94 9.52 13.73
N SER A 402 -0.17 8.92 14.63
CA SER A 402 -0.70 7.86 15.50
C SER A 402 -1.72 8.40 16.49
N GLU A 403 -1.46 9.60 17.03
CA GLU A 403 -2.40 10.22 17.98
C GLU A 403 -3.68 10.59 17.24
N TRP A 404 -3.51 11.20 16.07
CA TRP A 404 -4.61 11.63 15.23
C TRP A 404 -5.48 10.44 14.83
N ALA A 405 -4.84 9.30 14.57
CA ALA A 405 -5.55 8.09 14.18
C ALA A 405 -6.56 7.68 15.26
N ASN A 406 -6.14 7.77 16.53
CA ASN A 406 -7.03 7.42 17.66
C ASN A 406 -8.15 8.44 17.80
N LEU A 407 -7.81 9.71 17.59
CA LEU A 407 -8.77 10.79 17.70
C LEU A 407 -9.89 10.74 16.64
N VAL A 408 -9.56 10.40 15.40
CA VAL A 408 -10.57 10.34 14.34
C VAL A 408 -11.30 9.00 14.23
N LYS A 409 -10.77 7.99 14.90
CA LYS A 409 -11.36 6.65 14.86
C LYS A 409 -12.68 6.54 15.62
N SER A 410 -13.62 5.80 15.03
CA SER A 410 -14.93 5.55 15.61
C SER A 410 -15.75 6.82 15.86
N LYS A 411 -15.49 7.87 15.09
CA LYS A 411 -16.23 9.12 15.25
C LYS A 411 -17.27 9.23 14.15
N SER A 412 -18.26 10.09 14.37
CA SER A 412 -19.31 10.29 13.37
C SER A 412 -18.69 11.03 12.18
N LYS A 413 -19.36 11.00 11.04
CA LYS A 413 -18.84 11.67 9.84
C LYS A 413 -18.72 13.18 10.09
N THR A 414 -19.67 13.72 10.85
CA THR A 414 -19.68 15.15 11.17
C THR A 414 -18.46 15.53 11.99
N GLU A 415 -18.16 14.71 13.01
CA GLU A 415 -17.02 14.94 13.87
C GLU A 415 -15.71 14.78 13.10
N GLN A 416 -15.65 13.80 12.22
CA GLN A 416 -14.44 13.59 11.41
C GLN A 416 -14.20 14.76 10.45
N ALA A 417 -15.28 15.37 9.97
CA ALA A 417 -15.19 16.52 9.07
C ALA A 417 -14.73 17.76 9.85
N GLN A 418 -15.20 17.88 11.10
CA GLN A 418 -14.79 19.00 11.94
C GLN A 418 -13.30 18.87 12.22
N LEU A 419 -12.87 17.66 12.55
CA LEU A 419 -11.45 17.40 12.83
C LEU A 419 -10.59 17.70 11.60
N ALA A 420 -11.09 17.32 10.41
CA ALA A 420 -10.35 17.58 9.17
C ALA A 420 -10.17 19.08 9.00
N ARG A 421 -11.26 19.83 9.20
CA ARG A 421 -11.21 21.29 9.05
C ARG A 421 -10.39 21.94 10.16
N TYR A 422 -10.38 21.33 11.35
CA TYR A 422 -9.60 21.87 12.46
C TYR A 422 -8.11 21.77 12.09
N ALA A 423 -7.71 20.61 11.56
CA ALA A 423 -6.34 20.38 11.13
C ALA A 423 -6.00 21.35 9.99
N PHE A 424 -6.89 21.42 9.02
CA PHE A 424 -6.74 22.29 7.86
C PHE A 424 -6.51 23.74 8.32
N ASN A 425 -7.32 24.21 9.28
CA ASN A 425 -7.21 25.58 9.81
C ASN A 425 -5.86 25.85 10.49
N ASN A 426 -5.28 24.81 11.06
CA ASN A 426 -3.99 24.95 11.73
C ASN A 426 -2.81 24.63 10.84
N GLN A 427 -3.09 24.40 9.55
CA GLN A 427 -2.06 24.07 8.59
C GLN A 427 -1.35 22.74 8.85
N TRP A 428 -2.08 21.81 9.45
CA TRP A 428 -1.59 20.46 9.71
C TRP A 428 -2.11 19.71 8.46
N TRP A 429 -1.45 19.96 7.34
CA TRP A 429 -1.86 19.40 6.05
C TRP A 429 -2.01 17.90 5.98
N ASP A 430 -1.05 17.16 6.53
CA ASP A 430 -1.16 15.70 6.53
C ASP A 430 -2.32 15.20 7.40
N LEU A 431 -2.54 15.85 8.53
CA LEU A 431 -3.64 15.46 9.41
C LEU A 431 -4.99 15.73 8.76
N SER A 432 -5.08 16.82 8.02
CA SER A 432 -6.32 17.18 7.33
C SER A 432 -6.66 16.05 6.34
N VAL A 433 -5.68 15.64 5.55
CA VAL A 433 -5.89 14.56 4.57
C VAL A 433 -6.24 13.23 5.27
N GLN A 434 -5.55 12.95 6.37
CA GLN A 434 -5.76 11.72 7.13
C GLN A 434 -7.20 11.60 7.65
N ALA A 435 -7.75 12.73 8.11
CA ALA A 435 -9.12 12.74 8.63
C ALA A 435 -10.13 12.56 7.49
N THR A 436 -9.88 13.12 6.32
CA THR A 436 -10.82 12.95 5.20
C THR A 436 -10.85 11.47 4.79
N ILE A 437 -9.70 10.80 4.90
CA ILE A 437 -9.63 9.40 4.53
C ILE A 437 -10.36 8.53 5.56
N ALA A 438 -10.13 8.81 6.85
CA ALA A 438 -10.78 8.07 7.92
C ALA A 438 -12.29 8.20 7.85
N GLY A 439 -12.77 9.39 7.54
CA GLY A 439 -14.20 9.62 7.46
C GLY A 439 -14.80 9.39 6.07
N LYS A 440 -13.96 9.01 5.11
CA LYS A 440 -14.39 8.76 3.74
C LYS A 440 -15.11 9.99 3.18
N LEU A 441 -14.58 11.16 3.49
CA LEU A 441 -15.12 12.45 3.07
C LEU A 441 -14.57 12.80 1.68
N TRP A 442 -14.86 11.94 0.71
CA TRP A 442 -14.35 12.09 -0.65
C TRP A 442 -14.71 13.36 -1.41
N ASP A 443 -15.82 13.99 -1.05
CA ASP A 443 -16.24 15.22 -1.72
C ASP A 443 -15.82 16.50 -1.00
N HIS A 444 -15.16 16.36 0.16
CA HIS A 444 -14.65 17.53 0.91
C HIS A 444 -13.28 17.88 0.32
N LEU A 445 -13.29 18.25 -0.95
CA LEU A 445 -12.09 18.55 -1.71
C LEU A 445 -11.09 19.54 -1.14
N GLU A 446 -11.57 20.56 -0.44
CA GLU A 446 -10.63 21.55 0.09
C GLU A 446 -9.70 20.97 1.16
N GLU A 447 -10.25 20.12 2.02
CA GLU A 447 -9.47 19.49 3.09
C GLU A 447 -8.65 18.33 2.55
N ARG A 448 -9.11 17.71 1.46
CA ARG A 448 -8.41 16.60 0.85
C ARG A 448 -7.20 17.06 0.05
N PHE A 449 -7.25 18.28 -0.48
CA PHE A 449 -6.16 18.82 -1.28
C PHE A 449 -5.72 20.21 -0.85
N PRO A 450 -5.14 20.30 0.37
CA PRO A 450 -4.68 21.58 0.90
C PRO A 450 -3.48 22.13 0.14
N LEU A 451 -3.38 23.46 0.09
CA LEU A 451 -2.26 24.11 -0.58
C LEU A 451 -1.03 24.08 0.32
N ALA A 452 -0.51 22.88 0.55
CA ALA A 452 0.64 22.66 1.41
C ALA A 452 1.99 23.12 0.88
N TYR A 453 2.74 23.79 1.74
CA TYR A 453 4.07 24.29 1.42
C TYR A 453 4.01 25.13 0.15
N ASN A 454 2.94 25.91 0.04
CA ASN A 454 2.72 26.73 -1.15
C ASN A 454 3.92 27.59 -1.56
N ASP A 455 4.47 28.35 -0.62
CA ASP A 455 5.62 29.20 -0.92
C ASP A 455 6.81 28.42 -1.45
N LEU A 456 7.10 27.27 -0.84
CA LEU A 456 8.22 26.44 -1.28
C LEU A 456 8.00 25.91 -2.70
N PHE A 457 6.79 25.44 -3.00
CA PHE A 457 6.52 24.93 -4.34
C PHE A 457 6.61 26.04 -5.39
N LYS A 458 6.16 27.23 -5.03
CA LYS A 458 6.24 28.37 -5.95
C LYS A 458 7.70 28.69 -6.23
N ARG A 459 8.50 28.82 -5.17
CA ARG A 459 9.92 29.12 -5.31
C ARG A 459 10.67 28.09 -6.13
N TYR A 460 10.42 26.81 -5.86
CA TYR A 460 11.11 25.73 -6.57
C TYR A 460 10.59 25.33 -7.94
N THR A 461 9.51 25.95 -8.40
CA THR A 461 8.98 25.67 -9.74
C THR A 461 9.07 26.91 -10.63
N SER A 462 9.33 28.07 -10.03
CA SER A 462 9.44 29.34 -10.78
C SER A 462 10.49 29.30 -11.89
N GLY A 463 11.59 28.59 -11.64
CA GLY A 463 12.63 28.49 -12.64
C GLY A 463 12.53 27.23 -13.48
N LYS A 464 11.43 26.48 -13.33
CA LYS A 464 11.24 25.24 -14.08
C LYS A 464 10.00 25.29 -14.96
N GLU A 465 9.87 24.34 -15.89
CA GLU A 465 8.69 24.29 -16.75
C GLU A 465 7.51 23.55 -16.12
N ILE A 466 7.78 22.65 -15.18
CA ILE A 466 6.72 21.91 -14.51
C ILE A 466 5.85 22.90 -13.73
N PRO A 467 4.52 22.83 -13.90
CA PRO A 467 3.62 23.75 -13.19
C PRO A 467 3.66 23.49 -11.68
N GLN A 468 3.47 24.54 -10.89
CA GLN A 468 3.47 24.41 -9.45
C GLN A 468 2.37 23.42 -9.05
N SER A 469 1.20 23.56 -9.67
CA SER A 469 0.07 22.67 -9.39
C SER A 469 0.45 21.21 -9.63
N TYR A 470 1.23 20.97 -10.68
CA TYR A 470 1.68 19.62 -11.01
C TYR A 470 2.62 19.03 -9.96
N ALA A 471 3.58 19.83 -9.49
CA ALA A 471 4.52 19.35 -8.46
C ALA A 471 3.77 19.03 -7.18
N MET A 472 2.77 19.84 -6.86
CA MET A 472 1.96 19.62 -5.67
C MET A 472 1.11 18.35 -5.79
N ALA A 473 0.59 18.09 -6.99
CA ALA A 473 -0.22 16.89 -7.25
C ALA A 473 0.64 15.64 -7.01
N ILE A 474 1.86 15.66 -7.53
CA ILE A 474 2.79 14.56 -7.36
C ILE A 474 3.06 14.33 -5.87
N ALA A 475 3.37 15.41 -5.14
CA ALA A 475 3.63 15.31 -3.70
C ALA A 475 2.42 14.75 -2.94
N ARG A 476 1.23 15.24 -3.28
CA ARG A 476 -0.01 14.79 -2.66
C ARG A 476 -0.19 13.28 -2.81
N GLN A 477 0.04 12.79 -4.03
CA GLN A 477 -0.08 11.35 -4.31
C GLN A 477 0.99 10.56 -3.58
N GLU A 478 2.22 11.07 -3.57
CA GLU A 478 3.33 10.38 -2.94
C GLU A 478 3.29 10.26 -1.41
N SER A 479 3.04 11.36 -0.73
CA SER A 479 3.09 11.38 0.73
C SER A 479 1.83 11.78 1.50
N ALA A 480 0.78 12.17 0.80
CA ALA A 480 -0.43 12.66 1.48
C ALA A 480 -0.03 13.80 2.43
N TRP A 481 1.00 14.53 2.02
CA TRP A 481 1.55 15.70 2.74
C TRP A 481 2.34 15.48 4.05
N ASN A 482 2.68 14.23 4.36
CA ASN A 482 3.46 13.97 5.57
C ASN A 482 4.94 14.03 5.13
N PRO A 483 5.68 15.06 5.59
CA PRO A 483 7.10 15.20 5.22
C PRO A 483 8.07 14.20 5.83
N LYS A 484 7.60 13.42 6.81
CA LYS A 484 8.45 12.47 7.51
C LYS A 484 8.20 11.01 7.16
N VAL A 485 7.32 10.76 6.20
CA VAL A 485 6.99 9.40 5.84
C VAL A 485 8.03 8.71 4.94
N LYS A 486 8.25 7.42 5.19
CA LYS A 486 9.17 6.61 4.41
C LYS A 486 8.45 5.33 4.05
N SER A 487 8.58 4.90 2.80
CA SER A 487 7.92 3.67 2.35
C SER A 487 8.75 2.46 2.81
N PRO A 488 8.22 1.24 2.67
CA PRO A 488 8.98 0.06 3.11
C PRO A 488 10.32 -0.07 2.38
N VAL A 489 10.33 0.32 1.10
CA VAL A 489 11.54 0.25 0.29
C VAL A 489 12.53 1.39 0.52
N GLY A 490 12.13 2.41 1.30
CA GLY A 490 13.04 3.50 1.59
C GLY A 490 12.81 4.85 0.93
N ALA A 491 11.71 5.01 0.18
CA ALA A 491 11.40 6.28 -0.47
C ALA A 491 11.10 7.27 0.65
N SER A 492 11.61 8.49 0.54
CA SER A 492 11.46 9.46 1.64
C SER A 492 10.80 10.81 1.38
N GLY A 493 10.08 11.27 2.40
CA GLY A 493 9.46 12.59 2.38
C GLY A 493 8.31 12.89 1.45
N LEU A 494 8.04 14.20 1.32
CA LEU A 494 6.95 14.73 0.52
C LEU A 494 6.83 14.17 -0.87
N MET A 495 7.96 14.04 -1.57
CA MET A 495 7.95 13.54 -2.93
C MET A 495 8.48 12.11 -3.05
N GLN A 496 8.60 11.44 -1.90
CA GLN A 496 9.03 10.04 -1.85
C GLN A 496 10.24 9.75 -2.74
N ILE A 497 11.35 10.39 -2.39
CA ILE A 497 12.59 10.26 -3.13
C ILE A 497 13.45 9.13 -2.61
N MET A 498 13.90 8.26 -3.52
CA MET A 498 14.78 7.14 -3.17
C MET A 498 16.19 7.73 -3.00
N PRO A 499 17.01 7.15 -2.11
CA PRO A 499 18.37 7.64 -1.90
C PRO A 499 19.21 7.70 -3.18
N GLY A 500 19.07 6.70 -4.03
CA GLY A 500 19.82 6.67 -5.28
C GLY A 500 19.40 7.79 -6.22
N THR A 501 18.08 8.02 -6.29
CA THR A 501 17.53 9.08 -7.14
C THR A 501 18.01 10.45 -6.69
N ALA A 502 18.03 10.66 -5.38
CA ALA A 502 18.48 11.94 -4.82
C ALA A 502 19.93 12.19 -5.19
N THR A 503 20.76 11.17 -5.02
CA THR A 503 22.19 11.27 -5.34
C THR A 503 22.41 11.57 -6.82
N HIS A 504 21.69 10.83 -7.68
CA HIS A 504 21.80 11.00 -9.12
C HIS A 504 21.29 12.38 -9.57
N THR A 505 20.24 12.89 -8.93
CA THR A 505 19.65 14.19 -9.26
C THR A 505 20.57 15.33 -8.84
N VAL A 506 21.09 15.24 -7.62
CA VAL A 506 22.01 16.24 -7.09
C VAL A 506 23.23 16.38 -8.02
N LYS A 507 23.70 15.27 -8.56
CA LYS A 507 24.85 15.30 -9.48
C LYS A 507 24.47 15.87 -10.84
N MET A 508 23.35 15.39 -11.40
CA MET A 508 22.88 15.86 -12.71
C MET A 508 22.62 17.37 -12.77
N PHE A 509 22.04 17.92 -11.70
CA PHE A 509 21.70 19.34 -11.64
C PHE A 509 22.71 20.21 -10.89
N SER A 510 23.75 19.58 -10.34
CA SER A 510 24.78 20.28 -9.59
C SER A 510 24.14 21.06 -8.44
N ILE A 511 23.36 20.33 -7.64
CA ILE A 511 22.68 20.89 -6.46
C ILE A 511 23.64 20.82 -5.27
N PRO A 512 23.84 21.96 -4.57
CA PRO A 512 24.75 22.00 -3.42
C PRO A 512 24.09 21.62 -2.09
N GLY A 513 24.93 21.28 -1.12
CA GLY A 513 24.48 20.95 0.22
C GLY A 513 23.83 19.63 0.57
N TYR A 514 23.89 18.63 -0.31
CA TYR A 514 23.28 17.33 0.00
C TYR A 514 24.33 16.29 0.33
N SER A 515 24.24 15.70 1.51
CA SER A 515 25.20 14.70 1.95
C SER A 515 24.62 13.44 2.61
N SER A 516 23.34 13.46 2.97
CA SER A 516 22.71 12.31 3.62
C SER A 516 21.22 12.18 3.30
N PRO A 517 20.73 10.94 3.09
CA PRO A 517 19.32 10.68 2.78
C PRO A 517 18.41 11.18 3.90
N GLY A 518 18.97 11.38 5.09
CA GLY A 518 18.18 11.89 6.22
C GLY A 518 17.65 13.29 5.94
N GLN A 519 18.36 14.04 5.09
CA GLN A 519 17.94 15.39 4.73
C GLN A 519 16.66 15.38 3.89
N LEU A 520 16.33 14.23 3.31
CA LEU A 520 15.12 14.10 2.50
C LEU A 520 13.86 14.28 3.35
N LEU A 521 14.01 14.23 4.67
CA LEU A 521 12.89 14.43 5.58
C LEU A 521 12.61 15.92 5.83
N ASP A 522 13.51 16.78 5.37
CA ASP A 522 13.32 18.22 5.49
C ASP A 522 12.49 18.65 4.28
N PRO A 523 11.35 19.33 4.52
CA PRO A 523 10.48 19.78 3.42
C PRO A 523 11.14 20.53 2.28
N GLU A 524 11.93 21.57 2.59
CA GLU A 524 12.59 22.33 1.53
C GLU A 524 13.57 21.49 0.71
N THR A 525 14.40 20.72 1.40
CA THR A 525 15.39 19.86 0.73
C THR A 525 14.68 18.87 -0.19
N ASN A 526 13.62 18.25 0.32
CA ASN A 526 12.85 17.27 -0.44
C ASN A 526 12.23 17.91 -1.68
N ILE A 527 11.57 19.05 -1.50
CA ILE A 527 10.95 19.77 -2.62
C ILE A 527 11.98 20.23 -3.66
N ASN A 528 13.15 20.65 -3.18
CA ASN A 528 14.23 21.09 -4.07
C ASN A 528 14.66 19.93 -4.99
N ILE A 529 15.02 18.80 -4.37
CA ILE A 529 15.49 17.65 -5.13
C ILE A 529 14.37 16.98 -5.95
N GLY A 530 13.19 16.92 -5.36
CA GLY A 530 12.04 16.32 -6.02
C GLY A 530 11.58 17.08 -7.26
N THR A 531 11.44 18.41 -7.14
CA THR A 531 11.03 19.21 -8.28
C THR A 531 12.11 19.13 -9.36
N SER A 532 13.36 18.99 -8.94
CA SER A 532 14.44 18.88 -9.90
C SER A 532 14.29 17.60 -10.73
N TYR A 533 14.13 16.45 -10.09
CA TYR A 533 13.98 15.21 -10.85
C TYR A 533 12.70 15.21 -11.68
N LEU A 534 11.63 15.80 -11.14
CA LEU A 534 10.37 15.87 -11.85
C LEU A 534 10.52 16.71 -13.11
N GLN A 535 11.26 17.80 -13.02
CA GLN A 535 11.52 18.68 -14.17
C GLN A 535 12.35 17.92 -15.21
N TYR A 536 13.28 17.09 -14.72
CA TYR A 536 14.13 16.29 -15.60
C TYR A 536 13.29 15.36 -16.49
N VAL A 537 12.43 14.53 -15.89
CA VAL A 537 11.59 13.63 -16.69
C VAL A 537 10.54 14.38 -17.50
N TYR A 538 10.12 15.54 -17.00
CA TYR A 538 9.15 16.37 -17.70
C TYR A 538 9.74 16.86 -19.04
N GLN A 539 10.90 17.50 -19.01
CA GLN A 539 11.52 17.97 -20.25
C GLN A 539 11.97 16.83 -21.14
N GLN A 540 12.41 15.72 -20.54
CA GLN A 540 12.86 14.56 -21.29
C GLN A 540 11.73 13.98 -22.16
N PHE A 541 10.51 14.05 -21.66
CA PHE A 541 9.37 13.53 -22.40
C PHE A 541 8.46 14.58 -23.04
N GLY A 542 9.06 15.69 -23.46
CA GLY A 542 8.31 16.73 -24.14
C GLY A 542 7.23 17.47 -23.38
N ASN A 543 7.46 17.71 -22.09
CA ASN A 543 6.52 18.44 -21.26
C ASN A 543 5.12 17.84 -21.24
N ASN A 544 5.06 16.51 -21.18
CA ASN A 544 3.80 15.77 -21.16
C ASN A 544 3.68 15.12 -19.78
N ARG A 545 2.64 15.51 -19.04
CA ARG A 545 2.40 15.02 -17.69
C ARG A 545 2.06 13.54 -17.57
N ILE A 546 1.53 12.95 -18.64
CA ILE A 546 1.24 11.53 -18.58
C ILE A 546 2.59 10.80 -18.54
N PHE A 547 3.49 11.19 -19.45
CA PHE A 547 4.82 10.58 -19.52
C PHE A 547 5.67 10.85 -18.28
N SER A 548 5.69 12.10 -17.81
CA SER A 548 6.48 12.45 -16.64
C SER A 548 6.00 11.79 -15.35
N SER A 549 4.69 11.64 -15.18
CA SER A 549 4.15 10.99 -13.99
C SER A 549 4.48 9.51 -14.05
N ALA A 550 4.31 8.90 -15.22
CA ALA A 550 4.61 7.48 -15.38
C ALA A 550 6.11 7.24 -15.15
N ALA A 551 6.96 8.15 -15.64
CA ALA A 551 8.41 8.06 -15.48
C ALA A 551 8.86 8.26 -14.02
N TYR A 552 8.19 9.18 -13.32
CA TYR A 552 8.52 9.44 -11.93
C TYR A 552 8.26 8.19 -11.10
N ASN A 553 7.18 7.48 -11.43
CA ASN A 553 6.81 6.27 -10.69
C ASN A 553 7.50 4.97 -11.13
N ALA A 554 7.56 4.73 -12.44
CA ALA A 554 8.16 3.50 -12.98
C ALA A 554 9.53 3.64 -13.63
N GLY A 555 10.00 4.88 -13.77
CA GLY A 555 11.30 5.10 -14.40
C GLY A 555 11.20 5.38 -15.89
N PRO A 556 12.08 6.24 -16.44
CA PRO A 556 12.13 6.62 -17.86
C PRO A 556 12.19 5.44 -18.83
N GLY A 557 12.96 4.41 -18.47
CA GLY A 557 13.09 3.24 -19.33
C GLY A 557 11.77 2.52 -19.60
N ARG A 558 10.97 2.32 -18.54
CA ARG A 558 9.67 1.67 -18.69
C ARG A 558 8.77 2.48 -19.60
N VAL A 559 8.78 3.79 -19.43
CA VAL A 559 7.96 4.67 -20.27
C VAL A 559 8.40 4.56 -21.74
N ARG A 560 9.71 4.55 -21.99
CA ARG A 560 10.19 4.41 -23.36
C ARG A 560 9.65 3.11 -23.98
N THR A 561 9.70 2.03 -23.21
CA THR A 561 9.22 0.72 -23.66
C THR A 561 7.73 0.75 -24.00
N TRP A 562 6.94 1.34 -23.13
CA TRP A 562 5.50 1.44 -23.35
C TRP A 562 5.19 2.26 -24.61
N LEU A 563 5.93 3.34 -24.82
CA LEU A 563 5.73 4.18 -26.00
C LEU A 563 6.14 3.43 -27.27
N GLY A 564 7.15 2.56 -27.14
CA GLY A 564 7.59 1.77 -28.29
C GLY A 564 6.52 0.74 -28.65
N ASN A 565 5.76 0.31 -27.64
CA ASN A 565 4.69 -0.68 -27.82
C ASN A 565 3.48 -0.07 -28.52
N SER A 566 2.98 1.06 -28.02
CA SER A 566 1.83 1.74 -28.62
C SER A 566 2.22 2.28 -30.00
N ALA A 567 3.45 2.77 -30.10
CA ALA A 567 4.03 3.26 -31.36
C ALA A 567 3.25 4.32 -32.16
N GLY A 568 2.65 5.29 -31.47
CA GLY A 568 1.92 6.37 -32.14
C GLY A 568 0.55 6.02 -32.70
N ARG A 569 0.03 4.85 -32.32
CA ARG A 569 -1.26 4.39 -32.81
C ARG A 569 -2.48 4.76 -31.98
N ILE A 570 -2.28 5.21 -30.74
CA ILE A 570 -3.42 5.50 -29.85
C ILE A 570 -3.51 6.91 -29.26
N ASP A 571 -4.62 7.20 -28.57
CA ASP A 571 -4.79 8.52 -27.97
C ASP A 571 -4.35 8.57 -26.50
N ALA A 572 -4.41 9.76 -25.91
CA ALA A 572 -3.98 9.96 -24.53
C ALA A 572 -4.64 9.05 -23.50
N VAL A 573 -5.97 8.93 -23.56
CA VAL A 573 -6.71 8.11 -22.62
C VAL A 573 -6.38 6.62 -22.78
N ALA A 574 -6.28 6.16 -24.03
CA ALA A 574 -5.94 4.75 -24.28
C ALA A 574 -4.52 4.45 -23.76
N PHE A 575 -3.63 5.43 -23.87
CA PHE A 575 -2.27 5.22 -23.37
C PHE A 575 -2.27 5.06 -21.84
N VAL A 576 -3.02 5.92 -21.16
CA VAL A 576 -3.12 5.83 -19.70
C VAL A 576 -3.72 4.49 -19.28
N GLU A 577 -4.86 4.12 -19.89
CA GLU A 577 -5.54 2.88 -19.52
C GLU A 577 -4.78 1.61 -19.83
N SER A 578 -3.97 1.63 -20.89
CA SER A 578 -3.22 0.45 -21.29
C SER A 578 -1.89 0.26 -20.59
N ILE A 579 -1.51 1.19 -19.70
CA ILE A 579 -0.27 1.06 -18.94
C ILE A 579 -0.40 -0.30 -18.23
N PRO A 580 0.54 -1.22 -18.49
CA PRO A 580 0.53 -2.56 -17.90
C PRO A 580 0.80 -2.73 -16.40
N PHE A 581 1.39 -1.72 -15.76
CA PHE A 581 1.62 -1.80 -14.31
C PHE A 581 0.41 -1.13 -13.66
N SER A 582 -0.35 -1.89 -12.86
CA SER A 582 -1.53 -1.34 -12.18
C SER A 582 -1.17 -0.17 -11.26
N GLU A 583 -0.04 -0.25 -10.56
CA GLU A 583 0.38 0.84 -9.67
C GLU A 583 0.60 2.13 -10.45
N THR A 584 1.34 2.04 -11.56
CA THR A 584 1.64 3.21 -12.38
C THR A 584 0.39 3.77 -13.07
N ARG A 585 -0.49 2.87 -13.51
CA ARG A 585 -1.72 3.27 -14.16
C ARG A 585 -2.58 4.07 -13.18
N GLY A 586 -2.71 3.56 -11.95
CA GLY A 586 -3.50 4.25 -10.93
C GLY A 586 -2.83 5.55 -10.50
N TYR A 587 -1.50 5.54 -10.46
CA TYR A 587 -0.70 6.71 -10.08
C TYR A 587 -0.95 7.84 -11.08
N VAL A 588 -0.86 7.55 -12.36
CA VAL A 588 -1.06 8.57 -13.40
C VAL A 588 -2.48 9.16 -13.34
N LYS A 589 -3.48 8.28 -13.18
CA LYS A 589 -4.87 8.72 -13.09
C LYS A 589 -5.06 9.67 -11.89
N ASN A 590 -4.55 9.26 -10.74
CA ASN A 590 -4.66 10.09 -9.53
C ASN A 590 -3.96 11.43 -9.71
N VAL A 591 -2.72 11.42 -10.20
CA VAL A 591 -1.97 12.68 -10.36
C VAL A 591 -2.65 13.67 -11.31
N LEU A 592 -3.19 13.17 -12.42
CA LEU A 592 -3.87 14.05 -13.39
C LEU A 592 -5.12 14.65 -12.73
N ALA A 593 -5.86 13.84 -11.98
CA ALA A 593 -7.05 14.32 -11.29
C ALA A 593 -6.66 15.35 -10.21
N TYR A 594 -5.59 15.06 -9.47
CA TYR A 594 -5.13 15.96 -8.41
C TYR A 594 -4.61 17.29 -8.93
N ASP A 595 -3.96 17.25 -10.10
CA ASP A 595 -3.43 18.48 -10.70
C ASP A 595 -4.61 19.40 -11.04
N ALA A 596 -5.72 18.82 -11.49
CA ALA A 596 -6.92 19.60 -11.83
C ALA A 596 -7.50 20.24 -10.56
N TYR A 597 -7.52 19.48 -9.46
CA TYR A 597 -8.03 19.99 -8.18
C TYR A 597 -7.15 21.15 -7.71
N TYR A 598 -5.82 20.99 -7.83
CA TYR A 598 -4.91 22.05 -7.41
C TYR A 598 -5.04 23.29 -8.27
N ARG A 599 -5.25 23.10 -9.58
CA ARG A 599 -5.43 24.24 -10.47
C ARG A 599 -6.69 25.00 -10.05
N TYR A 600 -7.72 24.26 -9.66
CA TYR A 600 -8.97 24.86 -9.24
C TYR A 600 -8.79 25.72 -7.99
N PHE A 601 -8.13 25.18 -6.97
CA PHE A 601 -7.89 25.91 -5.73
C PHE A 601 -6.92 27.08 -5.91
N MET A 602 -6.21 27.10 -7.03
CA MET A 602 -5.28 28.19 -7.36
C MET A 602 -5.97 29.22 -8.27
N GLY A 603 -7.23 28.95 -8.62
CA GLY A 603 -7.97 29.87 -9.46
C GLY A 603 -7.84 29.71 -10.96
N ASP A 604 -7.36 28.55 -11.41
CA ASP A 604 -7.20 28.27 -12.84
C ASP A 604 -8.26 27.29 -13.29
N LYS A 605 -8.41 27.15 -14.61
CA LYS A 605 -9.39 26.22 -15.19
C LYS A 605 -8.87 24.80 -15.01
N PRO A 606 -9.63 23.95 -14.31
CA PRO A 606 -9.21 22.57 -14.08
C PRO A 606 -9.38 21.56 -15.23
N THR A 607 -9.18 21.98 -16.48
CA THR A 607 -9.31 21.06 -17.62
C THR A 607 -8.33 19.90 -17.41
N LEU A 608 -8.78 18.67 -17.61
CA LEU A 608 -7.92 17.50 -17.37
C LEU A 608 -6.56 17.49 -18.07
N MET A 609 -6.53 17.72 -19.37
CA MET A 609 -5.28 17.70 -20.11
C MET A 609 -5.13 18.94 -20.98
N SER A 610 -3.88 19.29 -21.29
CA SER A 610 -3.61 20.42 -22.17
C SER A 610 -4.02 19.97 -23.58
N ALA A 611 -4.17 20.92 -24.50
CA ALA A 611 -4.56 20.59 -25.87
C ALA A 611 -3.50 19.68 -26.50
N THR A 612 -2.24 19.96 -26.19
CA THR A 612 -1.12 19.17 -26.73
C THR A 612 -1.17 17.73 -26.21
N GLU A 613 -1.35 17.55 -24.91
CA GLU A 613 -1.43 16.21 -24.33
C GLU A 613 -2.65 15.47 -24.87
N TRP A 614 -3.78 16.17 -24.96
CA TRP A 614 -5.03 15.59 -25.45
C TRP A 614 -5.00 15.14 -26.91
N GLY A 615 -4.32 15.91 -27.76
CA GLY A 615 -4.29 15.59 -29.18
C GLY A 615 -3.10 14.81 -29.73
N ARG A 616 -2.07 14.65 -28.92
CA ARG A 616 -0.85 13.94 -29.33
C ARG A 616 -1.12 12.48 -29.69
N ARG A 617 -0.27 11.90 -30.53
CA ARG A 617 -0.39 10.49 -30.89
C ARG A 617 0.49 9.76 -29.87
N TYR A 618 0.02 8.62 -29.37
CA TYR A 618 0.76 7.86 -28.37
C TYR A 618 1.13 6.46 -28.85
C1 NAG B . 2.30 5.88 -2.00
C2 NAG B . 3.74 5.59 -1.57
C3 NAG B . 4.81 6.05 -2.61
C4 NAG B . 4.44 5.48 -4.00
C5 NAG B . 2.93 5.78 -4.35
C6 NAG B . 2.56 4.94 -5.59
C7 NAG B . 4.17 5.69 0.88
C8 NAG B . 4.35 6.67 2.04
N2 NAG B . 3.95 6.27 -0.30
O3 NAG B . 6.12 5.63 -2.19
O4 NAG B . 5.27 5.99 -5.04
O5 NAG B . 2.07 5.31 -3.31
O6 NAG B . 1.20 5.14 -5.91
O7 NAG B . 4.22 4.47 1.03
S SO4 C . -10.46 11.35 -6.62
O1 SO4 C . -9.76 11.68 -7.88
O2 SO4 C . -11.19 12.54 -6.11
O3 SO4 C . -11.42 10.26 -6.89
O4 SO4 C . -9.50 10.89 -5.59
S SO4 D . 1.27 26.93 18.30
O1 SO4 D . 1.31 27.01 16.83
O2 SO4 D . 0.15 27.73 18.81
O3 SO4 D . 1.11 25.51 18.70
O4 SO4 D . 2.51 27.48 18.85
S SO4 E . -10.68 -12.80 -11.21
O1 SO4 E . -10.39 -11.43 -11.65
O2 SO4 E . -11.99 -13.21 -11.77
O3 SO4 E . -9.62 -13.71 -11.67
O4 SO4 E . -10.76 -12.83 -9.74
S SO4 F . 8.43 11.52 13.86
O1 SO4 F . 9.52 12.36 14.38
O2 SO4 F . 7.16 11.84 14.53
O3 SO4 F . 8.28 11.75 12.41
O4 SO4 F . 8.76 10.10 14.13
S SO4 G . 0.43 -31.60 27.42
O1 SO4 G . 0.55 -32.73 26.49
O2 SO4 G . 1.27 -30.49 26.94
O3 SO4 G . -0.98 -31.16 27.48
O4 SO4 G . 0.87 -32.01 28.76
S SO4 H . -2.79 -41.10 -9.28
O1 SO4 H . -1.43 -41.64 -9.07
O2 SO4 H . -3.58 -41.29 -8.04
O3 SO4 H . -2.71 -39.66 -9.60
O4 SO4 H . -3.44 -41.82 -10.40
S SO4 I . 7.63 -8.35 38.58
O1 SO4 I . 6.83 -8.00 37.40
O2 SO4 I . 7.53 -9.79 38.83
O3 SO4 I . 9.05 -7.99 38.34
O4 SO4 I . 7.14 -7.60 39.76
S SO4 J . 18.46 2.87 -3.63
O1 SO4 J . 18.30 2.22 -2.31
O2 SO4 J . 17.79 4.19 -3.62
O3 SO4 J . 19.89 3.04 -3.93
O4 SO4 J . 17.83 2.03 -4.66
S SO4 K . -15.31 -32.02 -15.74
O1 SO4 K . -16.47 -32.08 -16.66
O2 SO4 K . -14.10 -32.49 -16.45
O3 SO4 K . -15.11 -30.63 -15.29
O4 SO4 K . -15.57 -32.88 -14.58
S SO4 L . 2.96 27.83 -13.09
O1 SO4 L . 3.70 27.15 -12.01
O2 SO4 L . 1.53 27.44 -13.02
O3 SO4 L . 3.08 29.29 -12.92
O4 SO4 L . 3.51 27.44 -14.40
S SO4 M . 5.41 -37.62 13.56
O1 SO4 M . 4.04 -37.77 13.08
O2 SO4 M . 6.36 -38.01 12.50
O3 SO4 M . 5.64 -36.21 13.95
O4 SO4 M . 5.63 -38.48 14.74
S SO4 N . -7.81 -20.89 -0.55
O1 SO4 N . -6.78 -20.72 0.48
O2 SO4 N . -8.41 -19.58 -0.87
O3 SO4 N . -7.21 -21.48 -1.76
O4 SO4 N . -8.87 -21.79 -0.05
C ACT O . 8.79 12.98 21.11
O ACT O . 9.44 12.37 20.24
OXT ACT O . 9.21 13.99 21.70
CH3 ACT O . 7.42 12.44 21.47
N ALA P . -4.34 5.27 -0.35
CA ALA P . -5.53 5.23 0.48
C ALA P . -6.59 6.27 0.10
O ALA P . -7.76 6.13 0.47
CB ALA P . -5.16 5.38 1.95
N DAL Q . -6.18 7.31 -0.61
CA DAL Q . -7.11 8.35 -1.03
CB DAL Q . -7.54 8.10 -2.48
C DAL Q . -6.54 9.75 -0.89
O DAL Q . -7.34 10.70 -0.80
OXT DAL Q . -5.30 9.88 -0.85
C1 AH0 R . -1.05 3.68 0.96
C2 AH0 R . -1.14 3.44 -0.59
N2 AH0 R . -0.15 2.43 -0.97
C7 AH0 R . -0.30 1.30 -1.65
O7 AH0 R . -1.38 0.92 -2.10
C8 AH0 R . 1.00 0.50 -1.84
C3 AH0 R . -0.86 4.79 -1.36
O3 AH0 R . -2.02 5.57 -1.50
C4 AH0 R . 0.23 5.65 -0.66
O4 AH0 R . 1.51 5.17 -1.03
C5 AH0 R . 0.08 5.56 0.88
O5 AH0 R . 0.23 4.21 1.33
C6 AH0 R . -1.28 5.94 1.43
O6 AH0 R . -1.99 4.68 1.38
CA AH0 R . -3.01 5.04 -2.39
CB AH0 R . -3.12 5.87 -3.66
C AH0 R . -4.36 4.96 -1.65
O AH0 R . -5.37 4.65 -2.26
C1 GOL S . -3.26 -35.95 1.99
O1 GOL S . -4.32 -35.26 2.64
C2 GOL S . -2.95 -35.34 0.63
O2 GOL S . -4.11 -35.39 -0.20
C3 GOL S . -1.80 -36.07 -0.06
O3 GOL S . -1.54 -35.52 -1.35
C1 GOL T . -10.53 11.71 -27.44
O1 GOL T . -11.19 12.13 -28.62
C2 GOL T . -9.03 12.00 -27.52
O2 GOL T . -8.47 11.25 -28.61
C3 GOL T . -8.35 11.59 -26.21
O3 GOL T . -6.97 11.85 -26.27
C1 GOL U . -11.28 6.38 -32.09
O1 GOL U . -12.64 6.69 -32.30
C2 GOL U . -10.98 6.30 -30.59
O2 GOL U . -11.39 7.52 -29.96
C3 GOL U . -9.49 6.06 -30.35
O3 GOL U . -9.16 6.06 -28.97
C1 GOL V . -3.36 23.01 -18.42
O1 GOL V . -2.19 22.65 -19.14
C2 GOL V . -4.42 21.91 -18.49
O2 GOL V . -5.57 22.30 -17.72
C3 GOL V . -3.86 20.59 -17.95
O3 GOL V . -3.45 20.74 -16.60
C1 GOL W . 10.64 10.50 22.78
O1 GOL W . 11.12 9.28 23.33
C2 GOL W . 11.31 11.70 23.45
O2 GOL W . 12.72 11.57 23.36
C3 GOL W . 10.90 11.85 24.93
O3 GOL W . 9.51 12.08 25.05
#